data_1TJA
#
_entry.id   1TJA
#
_symmetry.space_group_name_H-M   'P 1'
#
loop_
_entity.id
_entity.type
_entity.pdbx_description
1 polymer 'Baseplate structural protein Gp8'
2 polymer 'Baseplate structural protein Gp9'
3 polymer 'Baseplate structural protein Gp11'
#
loop_
_entity_poly.entity_id
_entity_poly.type
_entity_poly.pdbx_seq_one_letter_code
_entity_poly.pdbx_strand_id
1 'polypeptide(L)'
;MNDSSVIYRAIVTSKFRTEKMLNFYNSIGSGPDKNTIFITFGRSEPWSSNENEVGFAPPYPTDSVLGVTDMWTHMMGTVK
VLPSMLDAVIPRRDWGDTRYPDPYTFRINDIVVCNSAPYNATESGAGWLVYRCLDVPDTGMCSIASLTDKDECLKLGGKW
TPSARSMTPPEGRGDAEGTIEPGDGYVWEYLFEIPPDVSINRCTNEYIVVPWPEELKEDPTRWGYEDNLTWQQDDFGLIY
RVKANTIRFKAYLDSVYFPEAALPGNKGFRQISIITNPLEAKAHPNDPNVKAEKDYYDPEDLMRHSGEMIYMENRPPIIM
AMDQTEEINILFTF
;
A,B
2 'polypeptide(L)'
;MFIQEPKKLIDTGEIGNASTGDILFDGGNKINSDFNAIYNAFGDQRKMAVANGTGADGQIIHATGYYQKHSITEYATPVK
VGTRHDIDTSTVGVKVIIERGELGDCVEFINSNGSISVTNPLTIQAIDSIKGVSGNLVVTSPYSKVTLRCISSDNSTSVW
NYSIESMFGQKESPAEGTWNISTSGSVDIPLFHRTEYNMAKLLVTCQSVDGRKIKTAEINILVDTVNSEVISSEYAVMRV
GNETEEDEIANIAFSIKENYVTATISSSTVGMRAAVKVIATQKIGVAQ
;
C,D,E
3 'polypeptide(L)'
;MSLLNNKAGVISRLADFLGFRPKTGDIDVMNRQSVGSVTISQLAKGFYEPNIESAINDVHNFSIKDVGTIITNKTGVSPE
GVSQTDYWAFSGTVTDDSLPPGSPITVLVFGLPVSATTGMTAIEFVAKVRVALQEAIASFTAINSYKDHPTDGSKLEVTY
LDNQKHVLSTYSTYGITISQEIISESKPGYGTWNLLGAQTVTLDNQQTPTVFYHFERTA
;
F,G,H
#
# COMPACT_ATOMS: atom_id res chain seq x y z
CA ILE A 7 -19.03 2.61 -50.29
CA TYR A 8 -21.99 0.42 -49.31
CA ARG A 9 -24.87 1.66 -51.45
CA ALA A 10 -28.21 0.51 -50.05
CA ILE A 11 -31.82 1.56 -50.62
CA VAL A 12 -35.24 0.85 -49.16
CA THR A 13 -37.66 -0.16 -51.91
CA SER A 14 -41.11 1.22 -52.61
CA LYS A 15 -42.25 -2.14 -51.30
CA PHE A 16 -41.04 -1.15 -47.82
CA ARG A 17 -43.72 1.56 -47.70
CA THR A 18 -46.34 -1.04 -48.57
CA GLU A 19 -44.86 -3.32 -45.90
CA LYS A 20 -45.23 -0.69 -43.18
CA MET A 21 -48.83 0.02 -44.19
CA LEU A 22 -49.56 -3.71 -44.11
CA ASN A 23 -47.77 -4.21 -40.78
CA PHE A 24 -50.03 -1.52 -39.35
CA TYR A 25 -53.18 -3.12 -40.72
CA ASN A 26 -52.24 -6.60 -39.48
CA SER A 27 -51.17 -5.29 -36.07
CA ILE A 28 -54.74 -4.56 -34.98
CA GLY A 29 -56.22 -7.17 -32.68
CA SER A 30 -55.98 -8.60 -29.17
CA GLY A 31 -52.67 -9.61 -27.65
CA PRO A 32 -49.24 -8.48 -26.40
CA ASP A 33 -47.85 -8.44 -29.94
CA LYS A 34 -50.97 -6.70 -31.31
CA ASN A 35 -52.46 -3.19 -31.10
CA THR A 36 -55.90 -1.93 -30.17
CA ILE A 37 -56.48 1.44 -31.82
CA PHE A 38 -58.95 4.11 -30.75
CA ILE A 39 -60.14 7.28 -32.42
CA THR A 40 -60.94 10.04 -29.93
CA PHE A 41 -63.12 13.09 -30.33
CA GLY A 42 -63.31 16.22 -28.22
CA ARG A 43 -63.17 19.93 -27.44
CA SER A 44 -66.51 21.65 -27.01
CA GLU A 45 -64.77 24.99 -26.37
CA PRO A 46 -64.82 27.27 -29.45
CA TRP A 47 -61.52 27.93 -31.22
CA SER A 48 -62.53 31.59 -31.58
CA SER A 49 -65.34 33.81 -32.93
CA ASN A 50 -64.60 33.38 -36.65
CA GLU A 51 -64.68 29.63 -35.96
CA ASN A 52 -67.86 29.56 -38.00
CA GLU A 53 -66.89 31.73 -40.97
CA VAL A 54 -66.09 30.52 -44.49
CA GLY A 55 -62.78 28.76 -44.81
CA PHE A 56 -61.83 29.17 -41.25
CA ALA A 57 -58.81 27.00 -40.45
CA PRO A 58 -58.17 26.00 -36.84
CA PRO A 59 -54.59 26.03 -35.56
CA TYR A 60 -52.43 22.91 -35.84
CA PRO A 61 -52.34 20.59 -32.82
CA THR A 62 -49.01 20.49 -30.99
CA ASP A 63 -46.89 17.33 -30.94
CA SER A 64 -45.75 17.41 -27.30
CA VAL A 65 -46.62 16.23 -23.82
CA LEU A 66 -48.55 19.44 -23.28
CA GLY A 67 -50.47 18.72 -26.45
CA VAL A 68 -51.37 15.19 -25.46
CA THR A 69 -52.38 16.56 -22.05
CA ASP A 70 -54.68 19.08 -23.73
CA MET A 71 -56.21 16.45 -26.04
CA TRP A 72 -57.19 14.42 -22.98
CA THR A 73 -58.48 17.44 -21.09
CA HIS A 74 -60.90 18.24 -23.92
CA MET A 75 -61.58 14.60 -24.79
CA MET A 76 -65.28 13.67 -24.94
CA GLY A 77 -65.23 10.06 -26.11
CA THR A 78 -63.20 7.28 -27.75
CA VAL A 79 -64.23 4.65 -30.31
CA LYS A 80 -62.42 1.36 -31.00
CA VAL A 81 -61.11 1.14 -34.57
CA LEU A 82 -61.79 -2.15 -36.35
CA PRO A 83 -59.85 -3.52 -39.38
CA SER A 84 -63.02 -3.23 -41.47
CA MET A 85 -62.75 0.55 -41.21
CA LEU A 86 -59.38 0.57 -43.02
CA ASP A 87 -58.88 0.55 -46.80
CA ALA A 88 -55.65 0.47 -48.77
CA VAL A 89 -55.78 3.12 -51.49
CA ILE A 90 -53.93 4.51 -54.46
CA PRO A 91 -54.55 7.68 -56.49
CA ARG A 92 -57.51 7.45 -58.87
CA ARG A 93 -56.71 8.33 -62.49
CA ASP A 94 -59.75 7.86 -64.77
CA TRP A 95 -58.94 7.29 -68.47
CA GLY A 96 -60.34 10.15 -70.55
CA ASP A 97 -61.60 12.29 -67.65
CA THR A 98 -61.14 15.78 -69.07
CA ARG A 99 -61.90 17.33 -65.68
CA TYR A 100 -58.24 16.70 -64.88
CA PRO A 101 -54.79 17.01 -66.58
CA ASP A 102 -53.62 14.62 -69.31
CA PRO A 103 -56.93 12.80 -69.91
CA TYR A 104 -55.45 10.92 -72.90
CA THR A 105 -51.69 10.96 -72.27
CA PHE A 106 -49.95 8.41 -70.06
CA ARG A 107 -46.49 7.24 -69.04
CA ILE A 108 -45.18 3.77 -68.30
CA ASN A 109 -46.23 2.62 -64.81
CA ASP A 110 -49.28 4.88 -64.58
CA ILE A 111 -52.23 3.06 -62.99
CA VAL A 112 -55.47 4.02 -64.70
CA VAL A 113 -59.20 3.37 -64.20
CA CYS A 114 -61.55 2.44 -67.04
CA ASN A 115 -65.21 1.49 -67.33
CA SER A 116 -66.26 4.18 -64.85
CA ALA A 117 -67.97 6.53 -67.30
CA PRO A 118 -69.30 6.82 -70.88
CA TYR A 119 -65.93 8.13 -72.05
CA ASN A 120 -64.45 5.04 -70.31
CA ALA A 121 -67.00 2.28 -70.96
CA THR A 122 -65.59 -1.05 -72.10
CA GLU A 123 -67.84 -3.64 -70.44
CA SER A 124 -71.44 -3.19 -69.28
CA GLY A 125 -72.18 -5.14 -66.13
CA ALA A 126 -68.59 -4.97 -64.85
CA GLY A 127 -67.22 -2.65 -62.17
CA TRP A 128 -64.36 -0.19 -62.65
CA LEU A 129 -61.41 -1.91 -64.31
CA VAL A 130 -57.85 -1.10 -63.26
CA TYR A 131 -54.83 -1.16 -65.58
CA ARG A 132 -51.12 -0.30 -65.60
CA CYS A 133 -49.39 1.23 -68.62
CA LEU A 134 -46.59 -1.08 -69.84
CA ASP A 135 -45.44 0.89 -72.90
CA VAL A 136 -46.06 4.13 -74.84
CA PRO A 137 -45.50 5.51 -78.41
CA ASP A 138 -41.98 6.04 -79.78
CA THR A 139 -42.52 9.75 -80.43
CA GLY A 140 -42.30 12.09 -77.46
CA MET A 141 -39.94 13.81 -75.05
CA CYS A 142 -37.51 12.49 -72.43
CA SER A 143 -37.13 13.88 -68.89
CA ILE A 144 -33.47 13.96 -69.96
CA ALA A 145 -33.52 16.47 -72.84
CA SER A 146 -30.23 15.21 -74.30
CA LEU A 147 -31.93 11.93 -75.24
CA THR A 148 -33.99 11.67 -78.44
CA ASP A 149 -34.61 7.91 -78.41
CA LYS A 150 -37.37 6.54 -76.18
CA ASP A 151 -35.59 3.28 -75.40
CA GLU A 152 -32.29 5.08 -74.79
CA CYS A 153 -34.09 7.51 -72.46
CA LEU A 154 -35.50 4.73 -70.28
CA LYS A 155 -32.14 2.95 -70.29
CA LEU A 156 -30.56 5.80 -68.33
CA GLY A 157 -33.38 6.03 -65.82
CA GLY A 158 -35.23 8.50 -68.01
CA LYS A 159 -38.99 9.07 -68.08
CA TRP A 160 -40.62 9.24 -71.54
CA THR A 161 -43.65 11.43 -72.21
CA PRO A 162 -45.35 10.42 -75.50
CA SER A 163 -46.51 13.05 -77.99
CA ALA A 164 -49.20 10.70 -79.34
CA ARG A 165 -52.20 10.20 -77.07
CA SER A 166 -54.16 7.08 -76.17
CA MET A 167 -56.94 6.63 -78.74
CA THR A 168 -58.93 4.09 -76.76
CA PRO A 169 -58.98 2.65 -73.24
CA PRO A 170 -57.87 -0.97 -72.80
CA GLU A 171 -60.59 -3.56 -72.30
CA GLY A 172 -60.69 -7.16 -71.12
CA ARG A 173 -58.10 -8.95 -69.04
CA GLY A 174 -55.59 -9.36 -71.87
CA ASP A 175 -52.86 -11.98 -72.31
CA ALA A 176 -52.20 -15.00 -70.12
CA GLU A 177 -50.13 -12.38 -68.27
CA GLY A 178 -52.69 -9.61 -68.77
CA THR A 179 -50.98 -7.70 -71.59
CA ILE A 180 -53.22 -5.58 -73.82
CA GLU A 181 -52.55 -3.79 -77.10
CA PRO A 182 -55.22 -1.32 -78.27
CA GLY A 183 -53.03 -0.77 -81.32
CA ASP A 184 -52.29 2.91 -80.70
CA GLY A 185 -48.76 2.52 -79.42
CA TYR A 186 -49.85 1.98 -75.84
CA VAL A 187 -49.57 -1.37 -74.08
CA TRP A 188 -51.55 -2.04 -70.92
CA GLU A 189 -51.67 -4.69 -68.23
CA TYR A 190 -54.92 -5.72 -66.55
CA LEU A 191 -54.65 -5.42 -62.74
CA PHE A 192 -58.10 -5.91 -61.17
CA GLU A 193 -61.78 -5.02 -60.88
CA ILE A 194 -63.50 -3.05 -58.14
CA PRO A 195 -66.95 -4.17 -57.07
CA PRO A 196 -69.82 -1.62 -57.40
CA ASP A 197 -70.50 -1.44 -53.66
CA VAL A 198 -66.85 -0.60 -52.99
CA SER A 199 -66.76 2.11 -55.67
CA ILE A 200 -69.83 3.79 -54.21
CA ASN A 201 -69.00 3.39 -50.50
CA ARG A 202 -65.20 3.32 -50.23
CA CYS A 203 -63.69 5.08 -53.24
CA THR A 204 -63.55 8.85 -53.73
CA ASN A 205 -62.96 11.27 -56.56
CA GLU A 206 -59.29 11.04 -55.60
CA TYR A 207 -58.66 7.44 -54.52
CA ILE A 208 -59.65 3.86 -55.34
CA VAL A 209 -59.34 0.90 -52.99
CA VAL A 210 -56.86 -1.95 -53.52
CA PRO A 211 -58.04 -5.09 -51.71
CA TRP A 212 -55.98 -6.41 -48.79
CA PRO A 213 -54.09 -9.75 -49.39
CA GLU A 214 -56.38 -11.86 -47.18
CA GLU A 215 -59.70 -10.69 -48.66
CA LEU A 216 -58.36 -10.97 -52.19
CA LYS A 217 -57.11 -14.53 -51.69
CA GLU A 218 -60.44 -15.34 -50.05
CA ASP A 219 -62.64 -14.16 -52.96
CA PRO A 220 -60.71 -13.40 -56.16
CA THR A 221 -63.84 -13.24 -58.33
CA ARG A 222 -65.13 -10.37 -56.17
CA TRP A 223 -62.19 -8.39 -57.51
CA GLY A 224 -62.08 -9.90 -61.01
CA TYR A 225 -58.88 -11.62 -59.92
CA GLU A 226 -59.83 -15.27 -60.65
CA ASP A 227 -57.55 -15.40 -63.71
CA ASN A 228 -54.50 -14.13 -61.80
CA LEU A 229 -51.44 -16.37 -61.67
CA THR A 230 -48.92 -14.00 -60.04
CA TRP A 231 -50.12 -15.29 -56.66
CA GLN A 232 -47.82 -18.22 -57.43
CA GLN A 233 -45.04 -15.99 -56.09
CA ASP A 234 -46.73 -12.90 -54.59
CA ASP A 235 -49.40 -14.74 -52.55
CA PHE A 236 -52.10 -12.23 -53.57
CA GLY A 237 -49.90 -9.28 -52.69
CA LEU A 238 -51.71 -6.91 -55.02
CA ILE A 239 -51.11 -3.97 -52.65
CA TYR A 240 -47.36 -4.38 -53.24
CA ARG A 241 -47.77 -4.81 -57.03
CA VAL A 242 -49.41 -1.39 -57.27
CA LYS A 243 -47.21 0.19 -54.57
CA ALA A 244 -50.18 1.04 -52.37
CA ASN A 245 -48.92 2.94 -49.30
CA THR A 246 -51.75 4.92 -47.79
CA ILE A 247 -54.69 3.84 -45.64
CA ARG A 248 -58.02 5.63 -45.63
CA PHE A 249 -60.21 5.41 -42.54
CA LYS A 250 -63.99 5.12 -42.49
CA ALA A 251 -64.90 5.48 -38.83
CA TYR A 252 -68.30 6.43 -37.44
CA LEU A 253 -69.17 8.40 -34.32
CA ASP A 254 -72.69 7.38 -33.34
CA SER A 255 -74.44 9.90 -31.09
CA VAL A 256 -75.97 6.92 -29.25
CA TYR A 257 -72.80 6.41 -27.17
CA PHE A 258 -73.05 10.00 -25.99
CA PRO A 259 -76.56 11.54 -26.16
CA GLU A 260 -75.54 13.87 -23.35
CA ALA A 261 -72.90 15.19 -25.75
CA ALA A 262 -75.40 15.82 -28.55
CA LEU A 263 -78.22 18.25 -27.75
CA PRO A 264 -80.04 21.24 -29.39
CA GLY A 265 -77.61 23.81 -28.03
CA ASN A 266 -74.69 21.44 -28.65
CA LYS A 267 -71.34 23.10 -29.24
CA GLY A 268 -69.98 20.12 -31.17
CA PHE A 269 -66.52 18.54 -31.37
CA ARG A 270 -63.38 20.11 -32.86
CA GLN A 271 -60.66 17.53 -32.34
CA ILE A 272 -59.74 14.00 -33.29
CA SER A 273 -56.82 11.86 -32.32
CA ILE A 274 -55.73 8.28 -32.69
CA ILE A 275 -54.35 6.46 -29.66
CA THR A 276 -52.80 2.99 -29.67
CA ASN A 277 -53.11 0.61 -26.72
CA PRO A 278 -54.68 2.86 -24.08
CA LEU A 279 -55.17 1.31 -20.64
CA GLU A 280 -58.39 1.09 -18.62
CA ALA A 281 -58.52 2.95 -15.29
CA LYS A 282 -56.89 1.38 -12.20
CA ALA A 283 -58.29 1.09 -8.67
CA HIS A 284 -54.71 1.77 -7.54
CA PRO A 285 -51.73 3.32 -9.44
CA ASN A 286 -49.64 0.24 -8.72
CA ASP A 287 -52.25 -2.21 -10.07
CA PRO A 288 -51.41 -4.26 -13.22
CA ASN A 289 -51.87 -2.68 -16.66
CA VAL A 290 -55.11 -3.63 -18.41
CA LYS A 291 -55.45 -2.75 -22.08
CA ALA A 292 -58.77 -1.26 -23.21
CA GLU A 293 -60.58 -3.56 -25.63
CA LYS A 294 -64.23 -2.49 -25.43
CA ASP A 295 -65.81 -0.68 -28.39
CA TYR A 296 -66.37 2.56 -26.47
CA TYR A 297 -65.04 4.44 -23.44
CA ASP A 298 -65.63 7.78 -21.75
CA PRO A 299 -62.36 9.59 -20.93
CA GLU A 300 -62.91 8.79 -17.24
CA ASP A 301 -62.72 5.01 -17.74
CA LEU A 302 -59.18 4.96 -19.18
CA MET A 303 -55.83 5.54 -17.47
CA ARG A 304 -55.28 9.24 -18.22
CA HIS A 305 -52.62 9.82 -20.90
CA SER A 306 -52.27 6.07 -21.46
CA GLY A 307 -51.41 4.53 -24.81
CA GLU A 308 -49.51 6.37 -27.52
CA MET A 309 -51.06 9.23 -29.52
CA ILE A 310 -49.93 8.80 -33.13
CA TYR A 311 -52.27 11.26 -34.87
CA MET A 312 -53.81 14.60 -33.86
CA GLU A 313 -56.24 16.71 -35.88
CA ASN A 314 -58.03 20.01 -35.34
CA ARG A 315 -61.17 20.83 -37.30
CA PRO A 316 -64.00 23.37 -37.48
CA PRO A 317 -66.84 22.42 -35.10
CA ILE A 318 -69.39 19.79 -36.12
CA ILE A 319 -72.66 19.54 -34.20
CA MET A 320 -74.02 16.11 -33.27
CA ALA A 321 -77.44 15.41 -31.81
CA MET A 322 -80.44 13.10 -31.70
CA ASP A 323 -79.83 10.26 -34.05
CA GLN A 324 -76.99 11.45 -36.16
CA THR A 325 -73.71 9.72 -37.10
CA GLU A 326 -70.61 11.65 -38.12
CA GLU A 327 -68.26 9.89 -40.50
CA ILE A 328 -64.60 10.45 -39.74
CA ASN A 329 -62.11 10.06 -42.57
CA ILE A 330 -58.37 9.95 -42.02
CA LEU A 331 -55.46 9.18 -44.35
CA PHE A 332 -52.17 7.62 -43.19
CA THR A 333 -49.31 7.74 -45.70
CA PHE A 334 -46.66 5.10 -45.03
CA ILE B 7 -59.92 22.49 -44.02
CA TYR B 8 -58.27 20.42 -41.29
CA ARG B 9 -54.95 20.79 -39.46
CA ALA B 10 -53.71 17.23 -38.91
CA ILE B 11 -50.29 15.87 -37.96
CA VAL B 12 -48.73 12.44 -37.47
CA THR B 13 -46.76 12.59 -34.19
CA SER B 14 -43.23 11.40 -33.44
CA LYS B 15 -44.72 8.41 -31.68
CA PHE B 16 -46.10 7.12 -34.99
CA ARG B 17 -42.52 6.63 -36.16
CA THR B 18 -41.87 4.51 -33.07
CA GLU B 19 -45.20 2.74 -33.61
CA LYS B 20 -44.19 1.82 -37.17
CA MET B 21 -40.81 0.55 -36.00
CA LEU B 22 -42.49 -1.54 -33.31
CA ASN B 23 -45.05 -2.93 -35.76
CA PHE B 24 -42.25 -4.20 -37.99
CA TYR B 25 -40.39 -5.74 -35.05
CA ASN B 26 -43.54 -7.39 -33.67
CA SER B 27 -44.56 -8.70 -37.12
CA ILE B 28 -41.81 -11.29 -36.75
CA GLY B 29 -41.89 -14.62 -34.94
CA SER B 30 -43.63 -17.95 -35.46
CA GLY B 31 -46.82 -19.02 -33.72
CA PRO B 32 -49.78 -16.57 -33.66
CA ASP B 33 -49.48 -16.38 -37.44
CA LYS B 34 -46.38 -14.21 -37.56
CA ASN B 35 -44.23 -13.23 -40.54
CA THR B 36 -40.80 -14.49 -41.48
CA ILE B 37 -38.06 -12.29 -42.89
CA PHE B 38 -34.83 -13.20 -44.68
CA ILE B 39 -31.54 -11.55 -45.51
CA THR B 40 -29.96 -12.71 -48.73
CA PHE B 41 -26.44 -12.42 -50.08
CA GLY B 42 -25.17 -12.98 -53.60
CA ARG B 43 -23.25 -12.00 -56.73
CA SER B 44 -19.79 -13.53 -57.09
CA GLU B 45 -19.43 -11.97 -60.53
CA PRO B 46 -17.12 -8.95 -60.18
CA TRP B 47 -18.68 -5.50 -60.62
CA SER B 48 -15.69 -4.62 -62.79
CA SER B 49 -11.91 -4.94 -62.61
CA ASN B 50 -11.85 -1.86 -60.35
CA GLU B 51 -14.00 -3.26 -57.52
CA ASN B 52 -10.88 -4.20 -55.56
CA GLU B 53 -9.23 -0.78 -55.65
CA VAL B 54 -9.35 1.63 -52.69
CA GLY B 55 -12.35 3.94 -52.72
CA PHE B 56 -14.36 1.74 -55.07
CA ALA B 57 -18.14 2.01 -54.94
CA PRO B 58 -20.55 -0.18 -56.93
CA PRO B 59 -23.53 1.36 -58.69
CA TYR B 60 -26.72 1.66 -56.65
CA PRO B 61 -29.20 -1.24 -56.75
CA THR B 62 -32.24 -0.66 -58.94
CA ASP B 63 -35.71 -0.64 -57.37
CA SER B 64 -37.51 -2.33 -60.26
CA VAL B 65 -38.88 -5.68 -61.43
CA LEU B 66 -35.56 -6.09 -63.26
CA GLY B 67 -33.69 -5.27 -60.06
CA VAL B 68 -35.39 -7.96 -58.00
CA THR B 69 -34.97 -10.45 -60.85
CA ASP B 70 -31.25 -9.74 -61.11
CA MET B 71 -30.91 -10.03 -57.33
CA TRP B 72 -32.38 -13.56 -57.41
CA THR B 73 -30.19 -14.58 -60.35
CA HIS B 74 -27.05 -13.71 -58.36
CA MET B 75 -28.43 -14.95 -55.02
CA MET B 76 -26.26 -17.48 -53.17
CA GLY B 77 -28.04 -17.99 -49.86
CA THR B 78 -30.78 -16.80 -47.52
CA VAL B 79 -30.83 -16.65 -43.72
CA LYS B 80 -33.90 -16.25 -41.50
CA VAL B 81 -33.86 -12.96 -39.54
CA LEU B 82 -34.48 -13.56 -35.86
CA PRO B 83 -36.04 -10.98 -33.52
CA SER B 84 -32.84 -11.14 -31.46
CA MET B 85 -30.93 -9.66 -34.40
CA LEU B 86 -32.99 -6.44 -34.27
CA ASP B 87 -32.17 -3.49 -31.93
CA ALA B 88 -34.10 -0.26 -31.46
CA VAL B 89 -31.52 2.55 -31.43
CA ILE B 90 -31.25 6.31 -30.84
CA PRO B 91 -28.38 8.74 -31.52
CA ARG B 92 -25.55 8.54 -28.98
CA ARG B 93 -24.58 11.71 -27.09
CA ASP B 94 -21.91 11.17 -24.42
CA TRP B 95 -21.66 13.70 -21.59
CA GLY B 96 -18.18 15.19 -21.62
CA ASP B 97 -16.92 13.76 -24.92
CA THR B 98 -14.54 16.46 -26.16
CA ARG B 99 -14.30 14.86 -29.61
CA TYR B 100 -17.48 16.69 -30.54
CA PRO B 101 -19.08 20.11 -29.84
CA ASP B 102 -20.96 21.05 -26.66
CA PRO B 103 -19.34 18.38 -24.49
CA TYR B 104 -20.72 20.12 -21.39
CA THR B 105 -23.62 22.16 -22.76
CA PHE B 106 -27.12 20.76 -23.27
CA ARG B 107 -30.72 21.67 -24.02
CA ILE B 108 -33.97 20.45 -22.52
CA ASN B 109 -34.90 16.98 -23.86
CA ASP B 110 -31.32 16.06 -24.86
CA ILE B 111 -30.68 12.33 -24.28
CA VAL B 112 -27.16 11.85 -22.90
CA VAL B 113 -24.96 8.97 -21.84
CA CYS B 114 -22.77 8.79 -18.73
CA ASN B 115 -20.54 6.07 -17.29
CA SER B 116 -19.39 4.99 -20.74
CA ALA B 117 -15.82 6.24 -20.48
CA PRO B 118 -13.26 7.89 -18.17
CA TYR B 119 -14.42 11.40 -19.09
CA ASN B 120 -17.85 10.12 -18.02
CA ALA B 121 -17.40 7.56 -15.23
CA THR B 122 -19.76 7.82 -12.26
CA GLU B 123 -20.26 4.28 -10.99
CA SER B 124 -18.15 1.11 -11.23
CA GLY B 125 -20.51 -1.85 -11.09
CA ALA B 126 -23.11 -0.23 -13.35
CA GLY B 127 -23.27 -0.19 -17.13
CA TRP B 128 -23.78 2.93 -19.25
CA LEU B 129 -26.33 5.30 -17.69
CA VAL B 130 -28.80 7.22 -19.84
CA TYR B 131 -30.36 10.56 -18.89
CA ARG B 132 -32.78 13.16 -20.25
CA CYS B 133 -32.27 16.90 -19.60
CA LEU B 134 -35.38 18.39 -17.93
CA ASP B 135 -34.17 21.92 -17.31
CA VAL B 136 -31.18 24.16 -17.92
CA PRO B 137 -29.66 27.35 -16.39
CA ASP B 138 -31.81 30.50 -16.56
CA THR B 139 -28.93 32.23 -18.37
CA GLY B 140 -28.37 31.90 -22.12
CA MET B 141 -30.28 32.64 -25.33
CA CYS B 142 -33.30 31.61 -27.39
CA SER B 143 -33.74 30.24 -30.93
CA ILE B 144 -36.18 33.12 -31.34
CA ALA B 145 -33.43 35.70 -30.75
CA SER B 146 -35.79 38.44 -29.59
CA LEU B 147 -36.71 36.52 -26.41
CA THR B 148 -34.34 37.11 -23.49
CA ASP B 149 -36.38 35.21 -20.88
CA LYS B 150 -36.02 31.43 -20.77
CA ASP B 151 -39.60 30.82 -19.65
CA GLU B 152 -40.97 33.15 -22.34
CA CYS B 153 -38.78 31.41 -24.93
CA LEU B 154 -40.08 27.94 -24.06
CA LYS B 155 -43.67 29.17 -23.81
CA LEU B 156 -43.59 30.48 -27.36
CA GLY B 157 -42.06 27.27 -28.67
CA GLY B 158 -38.51 28.57 -28.75
CA LYS B 159 -35.40 26.54 -27.88
CA TRP B 160 -33.15 27.67 -25.03
CA THR B 161 -29.36 27.25 -25.20
CA PRO B 162 -27.80 27.80 -21.77
CA SER B 163 -24.61 29.83 -21.47
CA ALA B 164 -23.44 27.94 -18.37
CA ARG B 165 -22.04 24.42 -18.78
CA SER B 166 -23.07 21.26 -16.92
CA MET B 167 -20.50 21.04 -14.13
CA THR B 168 -20.60 17.33 -13.40
CA PRO B 169 -22.07 14.26 -15.14
CA PRO B 170 -25.48 13.30 -13.73
CA GLU B 171 -25.18 10.23 -11.49
CA GLY B 172 -27.44 7.73 -9.80
CA ARG B 173 -31.11 7.20 -10.55
CA GLY B 174 -32.38 10.26 -8.68
CA ASP B 175 -35.70 11.03 -7.03
CA ALA B 176 -38.65 8.60 -6.94
CA GLU B 177 -39.49 10.25 -10.25
CA GLY B 178 -35.87 9.93 -11.33
CA THR B 179 -35.24 13.67 -11.04
CA ILE B 180 -31.67 14.78 -10.46
CA GLU B 181 -30.50 18.26 -9.51
CA PRO B 182 -26.69 18.62 -9.56
CA GLY B 183 -27.06 22.19 -8.36
CA ASP B 184 -25.42 23.72 -11.41
CA GLY B 185 -28.66 24.91 -12.92
CA TYR B 186 -29.23 21.74 -14.93
CA VAL B 187 -31.94 19.23 -14.02
CA TRP B 188 -31.86 15.60 -15.28
CA GLU B 189 -34.19 12.58 -15.36
CA TYR B 190 -32.74 9.04 -15.04
CA LEU B 191 -34.01 6.83 -17.86
CA PHE B 192 -32.20 3.49 -18.04
CA GLU B 193 -29.01 1.44 -17.84
CA ILE B 194 -27.29 -0.47 -20.68
CA PRO B 195 -25.77 -3.82 -19.64
CA PRO B 196 -22.17 -4.57 -20.77
CA ASP B 197 -22.99 -7.34 -23.26
CA VAL B 198 -25.17 -4.82 -25.10
CA SER B 199 -22.92 -1.75 -24.80
CA ILE B 200 -19.79 -3.67 -25.76
CA ASN B 201 -21.25 -5.60 -28.69
CA ARG B 202 -24.26 -3.65 -29.92
CA CYS B 203 -23.85 0.06 -29.22
CA THR B 204 -21.63 2.04 -31.59
CA ASN B 205 -19.94 5.43 -31.68
CA GLU B 206 -23.20 6.72 -33.18
CA TYR B 207 -26.00 4.70 -31.56
CA ILE B 208 -27.12 3.29 -28.22
CA VAL B 209 -29.64 0.50 -27.88
CA VAL B 210 -32.99 1.12 -26.22
CA PRO B 211 -34.61 -2.06 -24.91
CA TRP B 212 -37.85 -3.23 -26.50
CA PRO B 213 -40.93 -3.15 -24.20
CA GLU B 214 -41.01 -6.95 -23.88
CA GLU B 215 -37.40 -6.94 -22.60
CA LEU B 216 -38.29 -4.36 -19.95
CA LYS B 217 -41.31 -6.32 -18.72
CA GLU B 218 -39.22 -9.49 -18.70
CA ASP B 219 -36.03 -8.31 -17.00
CA PRO B 220 -36.17 -4.73 -15.61
CA THR B 221 -33.08 -5.05 -13.40
CA ARG B 222 -30.99 -5.95 -16.46
CA TRP B 223 -31.73 -2.45 -17.80
CA GLY B 224 -31.71 -0.76 -14.37
CA TYR B 225 -35.40 -0.04 -14.77
CA GLU B 226 -36.83 -1.73 -11.65
CA ASP B 227 -37.38 1.67 -9.99
CA ASN B 228 -39.27 3.10 -12.97
CA LEU B 229 -42.84 4.12 -12.19
CA THR B 230 -43.76 5.59 -15.56
CA TRP B 231 -44.94 2.16 -16.75
CA GLN B 232 -48.11 2.75 -14.70
CA GLN B 233 -49.08 4.93 -17.65
CA ASP B 234 -46.76 3.94 -20.52
CA ASP B 235 -46.52 0.14 -20.02
CA PHE B 236 -42.73 0.00 -20.50
CA GLY B 237 -42.82 2.02 -23.69
CA LEU B 238 -39.33 3.43 -23.15
CA ILE B 239 -38.77 3.37 -26.91
CA TYR B 240 -41.66 5.87 -27.24
CA ARG B 241 -40.35 8.11 -24.43
CA VAL B 242 -36.97 8.47 -26.16
CA LYS B 243 -38.47 8.72 -29.66
CA ALA B 244 -36.65 5.63 -30.95
CA ASN B 245 -37.44 5.15 -34.65
CA THR B 246 -34.55 3.26 -36.20
CA ILE B 247 -33.80 -0.44 -36.19
CA ARG B 248 -30.22 -1.66 -36.45
CA PHE B 249 -29.55 -5.17 -37.70
CA LYS B 250 -26.83 -7.38 -36.26
CA ALA B 251 -27.32 -10.27 -38.66
CA TYR B 252 -24.89 -13.11 -39.35
CA LEU B 253 -23.98 -15.05 -42.49
CA ASP B 254 -22.44 -18.29 -41.23
CA SER B 255 -20.49 -20.07 -43.97
CA VAL B 256 -21.19 -23.41 -42.29
CA TYR B 257 -24.69 -23.42 -43.79
CA PHE B 258 -23.41 -22.42 -47.25
CA PRO B 259 -20.02 -24.19 -47.51
CA GLU B 260 -19.98 -23.94 -51.29
CA ALA B 261 -20.07 -20.15 -50.96
CA ALA B 262 -16.94 -20.05 -48.80
CA LEU B 263 -14.50 -22.23 -50.72
CA PRO B 264 -10.81 -21.39 -50.30
CA GLY B 265 -9.91 -18.67 -52.78
CA ASN B 266 -13.49 -17.62 -53.55
CA LYS B 267 -14.22 -14.16 -54.95
CA GLY B 268 -16.71 -13.14 -52.25
CA PHE B 269 -20.25 -11.79 -52.44
CA ARG B 270 -21.43 -8.33 -53.49
CA GLN B 271 -25.13 -8.09 -52.69
CA ILE B 272 -27.50 -8.12 -49.75
CA SER B 273 -31.26 -7.90 -49.65
CA ILE B 274 -34.15 -8.28 -47.28
CA ILE B 275 -37.25 -10.15 -48.33
CA THR B 276 -40.41 -10.52 -46.29
CA ASN B 277 -42.47 -13.73 -46.36
CA PRO B 278 -40.87 -15.63 -49.27
CA LEU B 279 -42.38 -18.97 -50.32
CA GLU B 280 -40.77 -22.41 -50.55
CA ALA B 281 -40.24 -23.94 -54.00
CA LYS B 282 -43.05 -25.98 -55.58
CA ALA B 283 -43.36 -29.27 -57.44
CA HIS B 284 -45.78 -27.65 -59.89
CA PRO B 285 -46.31 -23.85 -60.06
CA ASN B 286 -50.01 -24.27 -59.31
CA ASP B 287 -49.47 -26.12 -56.04
CA PRO B 288 -50.32 -24.51 -52.68
CA ASN B 289 -48.16 -21.66 -51.42
CA VAL B 290 -46.09 -22.67 -48.39
CA LYS B 291 -44.46 -19.90 -46.32
CA ALA B 292 -40.67 -20.23 -45.95
CA GLU B 293 -40.14 -20.73 -42.22
CA LYS B 294 -36.83 -22.64 -42.10
CA ASP B 295 -33.66 -21.00 -40.75
CA TYR B 296 -32.02 -20.90 -44.18
CA TYR B 297 -32.50 -21.89 -47.80
CA ASP B 298 -30.40 -22.39 -50.88
CA PRO B 299 -32.03 -19.99 -53.33
CA GLU B 300 -33.01 -23.10 -55.27
CA ASP B 301 -35.35 -24.24 -52.50
CA LEU B 302 -37.51 -21.08 -52.57
CA MET B 303 -40.13 -19.90 -55.09
CA ARG B 304 -38.16 -17.62 -57.41
CA HIS B 305 -39.09 -13.94 -56.91
CA SER B 306 -41.46 -14.77 -54.03
CA GLY B 307 -41.69 -12.56 -50.95
CA GLU B 308 -41.35 -8.78 -51.00
CA MET B 309 -37.87 -7.28 -51.34
CA ILE B 310 -37.91 -4.24 -49.05
CA TYR B 311 -34.18 -3.47 -49.03
CA MET B 312 -31.30 -3.82 -51.48
CA GLU B 313 -27.57 -3.18 -51.07
CA ASN B 314 -24.61 -3.32 -53.42
CA ARG B 315 -21.13 -3.36 -51.95
CA PRO B 316 -17.46 -3.99 -52.71
CA PRO B 317 -16.69 -7.73 -52.53
CA ILE B 318 -16.28 -9.45 -49.16
CA ILE B 319 -14.63 -12.88 -49.10
CA MET B 320 -16.39 -15.44 -46.92
CA ALA B 321 -14.18 -17.97 -45.12
CA MET B 322 -15.23 -21.48 -44.12
CA ASP B 323 -15.98 -22.03 -40.44
CA GLN B 324 -16.16 -18.26 -40.11
CA THR B 325 -19.00 -15.77 -39.87
CA GLU B 326 -19.62 -12.39 -41.51
CA GLU B 327 -21.63 -9.70 -39.74
CA ILE B 328 -24.16 -7.70 -41.73
CA ASN B 329 -25.46 -4.44 -40.30
CA ILE B 330 -28.50 -2.64 -41.67
CA LEU B 331 -30.39 0.48 -40.55
CA PHE B 332 -34.14 0.92 -41.07
CA THR B 333 -35.49 4.37 -40.19
CA PHE B 334 -39.24 4.67 -39.57
CA MET C 1 -9.05 58.24 -10.77
CA PHE C 2 -11.80 59.04 -8.27
CA ILE C 3 -10.60 61.16 -5.35
CA GLN C 4 -13.33 61.00 -2.72
CA GLU C 5 -14.31 63.94 -0.55
CA PRO C 6 -14.35 63.49 3.24
CA LYS C 7 -17.51 62.39 5.06
CA LYS C 8 -20.55 64.68 4.84
CA LEU C 9 -23.48 64.49 7.27
CA ILE C 10 -27.05 65.79 7.00
CA ASP C 11 -27.53 68.95 9.05
CA THR C 12 -30.80 68.03 10.79
CA GLY C 13 -30.01 71.15 12.80
CA GLU C 14 -32.04 72.91 10.12
CA ILE C 15 -35.14 71.72 8.26
CA GLY C 16 -37.94 73.64 10.03
CA ASN C 17 -35.64 76.53 9.17
CA ALA C 18 -34.95 75.89 5.26
CA SER C 19 -37.63 74.64 2.84
CA THR C 20 -37.72 71.34 1.38
CA GLY C 21 -36.10 72.43 -1.87
CA ASP C 22 -32.73 73.39 -0.41
CA ILE C 23 -32.46 70.61 2.19
CA LEU C 24 -33.12 67.91 -0.39
CA PHE C 25 -30.53 69.26 -2.81
CA ASP C 26 -27.94 69.94 -0.11
CA GLY C 27 -28.87 66.62 1.46
CA GLY C 28 -29.06 64.53 -1.69
CA ASN C 29 -25.69 65.64 -3.05
CA LYS C 30 -24.35 64.81 0.41
CA ILE C 31 -25.79 61.31 0.29
CA ASN C 32 -24.48 60.80 -3.24
CA SER C 33 -21.01 62.02 -2.21
CA ASP C 34 -20.65 59.61 0.71
CA PHE C 35 -21.99 56.53 -1.05
CA ASN C 36 -19.78 57.28 -4.04
CA ALA C 37 -16.86 57.36 -1.62
CA ILE C 38 -17.88 53.95 -0.24
CA TYR C 39 -18.66 52.23 -3.54
CA ASN C 40 -15.41 53.44 -5.12
CA ALA C 41 -13.40 52.14 -2.18
CA PHE C 42 -15.00 48.71 -2.48
CA GLY C 43 -15.93 48.65 -6.17
CA ASP C 44 -14.59 49.07 -9.69
CA GLN C 45 -13.90 52.78 -10.19
CA ARG C 46 -13.70 52.39 -13.98
CA LYS C 47 -17.51 52.22 -14.02
CA MET C 48 -17.80 55.87 -12.98
CA ALA C 49 -17.50 56.67 -16.70
CA VAL C 50 -21.00 55.32 -17.28
CA ALA C 51 -24.17 56.28 -15.36
CA ASN C 52 -21.90 57.46 -12.55
CA GLY C 53 -21.44 53.87 -11.40
CA THR C 54 -25.12 52.96 -11.69
CA GLY C 55 -27.23 50.77 -13.96
CA ALA C 56 -27.30 47.01 -14.45
CA ASP C 57 -23.53 46.74 -14.79
CA GLY C 58 -23.11 49.42 -12.15
CA GLN C 59 -20.87 49.45 -9.07
CA ILE C 60 -21.33 46.97 -6.23
CA ILE C 61 -19.79 46.54 -2.77
CA HIS C 62 -17.20 43.74 -2.82
CA ALA C 63 -17.02 42.02 0.57
CA THR C 64 -13.53 40.93 -0.46
CA GLY C 65 -12.78 44.56 -1.08
CA TYR C 66 -11.44 45.76 -4.43
CA TYR C 67 -8.14 46.70 -6.07
CA GLN C 68 -8.46 49.58 -8.56
CA LYS C 69 -6.99 49.33 -12.06
CA HIS C 70 -5.57 52.73 -13.04
CA SER C 71 -3.62 54.07 -16.02
CA ILE C 72 -0.04 55.32 -16.36
CA THR C 73 -1.11 58.93 -16.65
CA GLU C 74 -3.27 58.64 -13.51
CA TYR C 75 -0.27 57.35 -11.55
CA ALA C 76 1.60 60.47 -12.67
CA THR C 77 0.35 62.12 -9.48
CA PRO C 78 0.86 60.83 -5.88
CA VAL C 79 -1.75 58.32 -4.70
CA LYS C 80 -3.89 58.81 -1.59
CA VAL C 81 -3.34 56.70 1.53
CA GLY C 82 -5.78 53.84 2.03
CA THR C 83 -6.07 53.00 -1.68
CA ARG C 84 -5.73 49.59 -3.37
CA HIS C 85 -4.12 48.88 -6.73
CA ASP C 86 -4.13 45.98 -9.18
CA ILE C 87 -0.98 46.68 -11.18
CA ASP C 88 -0.54 46.04 -14.90
CA THR C 89 2.99 46.22 -16.29
CA SER C 90 2.42 44.06 -19.36
CA THR C 91 3.34 46.87 -21.77
CA VAL C 92 5.87 48.60 -19.52
CA GLY C 93 6.87 48.95 -15.88
CA VAL C 94 4.72 51.32 -13.85
CA LYS C 95 5.82 53.80 -11.21
CA VAL C 96 3.46 54.53 -8.32
CA ILE C 97 4.01 57.31 -5.80
CA ILE C 98 2.34 57.44 -2.38
CA GLU C 99 1.55 60.74 -0.64
CA ARG C 100 3.20 61.42 2.73
CA GLY C 101 1.51 59.29 5.35
CA GLU C 102 0.87 59.23 9.08
CA LEU C 103 1.37 56.34 11.48
CA GLY C 104 -0.77 53.40 10.37
CA ASP C 105 -1.64 54.69 6.91
CA CYS C 106 -1.77 51.86 4.38
CA VAL C 107 -1.65 51.22 0.61
CA GLU C 108 -1.92 47.72 -0.91
CA PHE C 109 -1.05 46.31 -4.32
CA ILE C 110 -1.74 43.07 -6.18
CA ASN C 111 -0.83 41.73 -9.60
CA SER C 112 -3.74 39.68 -10.94
CA ASN C 113 -2.42 39.34 -14.49
CA GLY C 114 1.07 38.49 -13.24
CA SER C 115 2.72 41.06 -15.47
CA ILE C 116 5.27 42.11 -12.84
CA SER C 117 8.82 41.15 -13.81
CA VAL C 118 12.37 42.48 -13.82
CA THR C 119 11.85 44.17 -17.20
CA ASN C 120 8.35 45.44 -16.38
CA PRO C 121 8.66 46.07 -12.63
CA LEU C 122 6.42 47.80 -10.13
CA THR C 123 8.36 50.78 -8.76
CA ILE C 124 7.02 52.26 -5.53
CA GLN C 125 8.05 55.57 -4.04
CA ALA C 126 6.66 56.32 -0.58
CA ILE C 127 6.90 60.05 0.17
CA ASP C 128 10.07 60.48 2.17
CA SER C 129 11.25 56.88 2.41
CA ILE C 130 10.93 53.12 2.91
CA LYS C 131 12.95 51.41 5.65
CA GLY C 132 15.75 49.11 4.52
CA VAL C 133 15.44 50.58 1.05
CA SER C 134 17.60 53.31 -0.48
CA GLY C 135 15.28 55.12 -2.88
CA ASN C 136 12.29 53.42 -4.52
CA LEU C 137 11.10 49.91 -3.77
CA VAL C 138 11.50 47.82 -6.92
CA VAL C 139 9.11 44.88 -7.06
CA THR C 140 9.80 42.17 -9.63
CA SER C 141 7.88 39.23 -8.17
CA PRO C 142 4.97 38.26 -10.44
CA TYR C 143 1.52 37.65 -8.92
CA SER C 144 2.57 39.32 -5.68
CA LYS C 145 0.81 41.29 -2.96
CA VAL C 146 2.57 44.34 -1.62
CA THR C 147 1.54 46.11 1.55
CA LEU C 148 3.01 49.45 2.59
CA ARG C 149 2.49 50.81 6.08
CA CYS C 150 3.64 54.06 7.68
CA ILE C 151 5.61 53.17 10.81
CA SER C 152 6.49 56.75 11.71
CA SER C 153 5.16 60.21 10.88
CA ASP C 154 5.42 62.93 13.52
CA ASN C 155 6.77 65.87 11.52
CA SER C 156 8.88 65.02 8.46
CA THR C 157 9.88 61.63 9.84
CA SER C 158 7.39 59.90 7.51
CA VAL C 159 8.91 56.45 7.07
CA TRP C 160 7.26 53.33 5.64
CA ASN C 161 8.02 49.60 5.76
CA TYR C 162 6.64 46.85 3.57
CA SER C 163 5.80 43.20 3.10
CA ILE C 164 5.63 41.26 -0.12
CA GLU C 165 3.97 37.89 -0.51
CA SER C 166 2.57 35.54 -3.13
CA MET C 167 -1.09 35.93 -4.03
CA PHE C 168 -1.25 32.18 -4.70
CA GLY C 169 0.09 28.89 -3.43
CA GLN C 170 -0.50 26.23 -0.79
CA LYS C 171 0.84 27.77 2.41
CA GLU C 172 -1.30 26.06 5.07
CA SER C 173 0.08 24.17 8.03
CA PRO C 174 -1.75 20.88 8.73
CA ALA C 175 -0.72 20.89 12.37
CA GLU C 176 0.72 23.13 15.07
CA GLY C 177 0.39 22.83 18.82
CA THR C 178 1.71 21.30 22.01
CA TRP C 179 0.93 17.84 23.34
CA ASN C 180 1.72 16.00 26.54
CA ILE C 181 3.60 12.73 26.36
CA SER C 182 1.22 10.50 28.34
CA THR C 183 2.44 8.63 31.41
CA SER C 184 2.66 5.54 29.21
CA GLY C 185 5.64 7.34 27.70
CA SER C 186 4.24 7.73 24.19
CA VAL C 187 1.92 10.02 22.27
CA ASP C 188 0.42 9.87 18.77
CA ILE C 189 -0.10 13.14 16.92
CA PRO C 190 -2.07 12.92 13.67
CA LEU C 191 -0.64 15.36 11.12
CA PHE C 192 -2.82 14.97 8.04
CA HIS C 193 -4.75 12.47 5.92
CA ARG C 194 -2.49 10.25 3.83
CA THR C 195 -3.83 11.81 0.60
CA GLU C 196 -3.24 15.48 1.47
CA TYR C 197 0.54 15.78 0.94
CA ASN C 198 3.46 13.77 -0.46
CA MET C 199 6.01 15.34 1.87
CA ALA C 200 6.02 17.56 4.91
CA LYS C 201 8.55 19.35 7.05
CA LEU C 202 8.12 19.74 10.76
CA LEU C 203 9.78 21.10 13.86
CA VAL C 204 9.62 19.11 17.08
CA THR C 205 10.73 20.41 20.47
CA CYS C 206 10.35 18.26 23.60
CA GLN C 207 10.90 19.73 27.04
CA SER C 208 10.48 18.44 30.59
CA VAL C 209 8.02 20.25 32.89
CA ASP C 210 11.07 21.43 34.85
CA GLY C 211 13.13 22.50 31.85
CA ARG C 212 16.32 20.55 32.50
CA LYS C 213 15.75 18.15 29.59
CA ILE C 214 15.07 19.45 26.11
CA LYS C 215 15.47 18.31 22.52
CA THR C 216 14.58 19.84 19.16
CA ALA C 217 14.84 18.33 15.72
CA GLU C 218 13.79 19.12 12.17
CA ILE C 219 12.23 16.26 10.22
CA ASN C 220 11.30 15.86 6.55
CA ILE C 221 8.85 13.03 5.84
CA LEU C 222 7.82 11.27 2.64
CA VAL C 223 4.44 9.62 2.31
CA ASP C 224 4.68 6.18 0.70
CA THR C 225 1.01 5.65 -0.17
CA VAL C 226 1.69 2.38 -1.99
CA ASN C 227 3.21 0.63 1.04
CA SER C 228 1.14 2.67 3.49
CA GLU C 229 4.30 3.94 5.22
CA VAL C 230 6.23 7.15 5.80
CA ILE C 231 9.98 7.65 5.36
CA SER C 232 11.59 10.29 7.57
CA SER C 233 14.83 12.21 7.75
CA GLU C 234 15.57 13.74 11.17
CA TYR C 235 18.48 16.20 11.41
CA ALA C 236 19.86 19.29 13.18
CA VAL C 237 19.16 17.50 16.43
CA MET C 238 20.02 19.49 19.58
CA ARG C 239 19.81 18.35 23.22
CA VAL C 240 20.58 20.02 26.59
CA GLY C 241 20.04 17.98 29.76
CA ASN C 242 20.96 14.69 28.09
CA GLU C 243 22.44 12.35 30.70
CA THR C 244 24.26 10.49 27.89
CA GLU C 245 25.39 11.06 24.30
CA GLU C 246 23.47 7.93 23.29
CA ASP C 247 19.74 7.55 22.44
CA GLU C 248 18.25 10.46 24.37
CA ILE C 249 15.43 12.62 25.71
CA ALA C 250 12.83 11.77 23.08
CA ASN C 251 12.29 9.64 20.02
CA ILE C 252 10.20 10.62 17.02
CA ALA C 253 8.75 8.05 14.63
CA PHE C 254 6.27 8.21 11.78
CA SER C 255 3.70 5.94 10.16
CA ILE C 256 0.16 5.87 8.88
CA LYS C 257 -2.51 5.18 11.51
CA GLU C 258 -6.22 5.27 10.69
CA ASN C 259 -5.18 6.58 7.28
CA TYR C 260 -3.51 9.65 8.80
CA VAL C 261 0.20 10.38 8.51
CA THR C 262 1.04 10.33 12.22
CA ALA C 263 3.91 11.32 14.49
CA THR C 264 4.63 9.12 17.49
CA ILE C 265 6.59 10.85 20.25
CA SER C 266 8.00 8.77 23.09
CA SER C 267 10.38 9.45 25.99
CA SER C 268 11.81 7.74 29.08
CA THR C 269 11.77 11.02 30.98
CA VAL C 270 8.49 11.36 32.88
CA GLY C 271 6.54 14.58 32.47
CA MET C 272 7.56 15.54 28.94
CA ARG C 273 5.81 18.04 26.66
CA ALA C 274 6.16 18.00 22.87
CA ALA C 275 5.59 20.90 20.49
CA VAL C 276 5.05 19.82 16.89
CA LYS C 277 4.66 22.25 14.01
CA VAL C 278 4.50 21.52 10.27
CA ILE C 279 6.26 24.39 8.51
CA ALA C 280 6.19 23.19 4.90
CA THR C 281 4.43 20.76 2.58
CA GLN C 282 4.54 19.67 -1.03
CA LYS C 283 1.73 18.08 -2.99
CA ILE C 284 2.19 16.76 -6.51
CA GLY C 285 -0.47 18.39 -8.64
CA VAL C 286 -1.29 18.33 -12.34
CA ALA C 287 1.48 19.47 -14.68
CA GLN C 288 0.88 22.93 -16.14
CA MET D 1 -28.75 34.68 0.39
CA PHE D 2 -28.89 38.44 -0.17
CA ILE D 3 -28.02 39.47 -3.71
CA GLN D 4 -27.43 43.21 -3.64
CA GLU D 5 -28.48 45.55 -6.43
CA PRO D 6 -25.86 47.88 -7.93
CA LYS D 7 -25.31 51.39 -6.58
CA LYS D 8 -28.23 53.83 -6.73
CA LEU D 9 -27.82 57.59 -6.45
CA ILE D 10 -30.34 60.34 -5.62
CA ASP D 11 -31.40 62.23 -8.74
CA THR D 12 -31.07 65.79 -7.41
CA GLY D 13 -31.60 66.66 -11.06
CA GLU D 14 -35.27 66.74 -10.08
CA ILE D 15 -36.90 67.92 -6.87
CA GLY D 16 -38.26 71.36 -7.87
CA ASN D 17 -39.78 69.27 -10.64
CA ALA D 18 -41.47 66.28 -8.55
CA SER D 19 -43.22 66.78 -5.19
CA THR D 20 -41.94 65.69 -2.00
CA GLY D 21 -44.00 62.51 -1.95
CA ASP D 22 -42.36 60.84 -4.94
CA ILE D 23 -38.78 62.01 -4.29
CA LEU D 24 -38.82 60.72 -0.72
CA PHE D 25 -40.14 57.30 -1.73
CA ASP D 26 -37.87 56.99 -4.75
CA GLY D 27 -35.06 58.41 -2.66
CA GLY D 28 -35.67 56.46 0.52
CA ASN D 29 -35.86 53.08 -1.18
CA LYS D 30 -32.61 54.08 -2.90
CA ILE D 31 -30.93 54.87 0.41
CA ASN D 32 -32.22 51.62 1.92
CA SER D 33 -30.98 49.64 -1.09
CA ASP D 34 -27.42 50.95 -0.92
CA PHE D 35 -26.98 50.68 2.84
CA ASN D 36 -28.40 47.16 2.73
CA ALA D 37 -25.76 46.36 0.12
CA ILE D 38 -23.05 47.74 2.43
CA TYR D 39 -24.24 46.18 5.68
CA ASN D 40 -24.68 42.76 4.07
CA ALA D 41 -21.18 42.88 2.64
CA PHE D 42 -19.72 43.69 6.07
CA GLY D 43 -22.33 42.15 8.35
CA ASP D 44 -24.22 38.95 9.18
CA GLN D 45 -26.73 38.40 6.37
CA ARG D 46 -28.70 35.88 8.43
CA LYS D 47 -30.20 38.84 10.32
CA MET D 48 -32.14 40.00 7.27
CA ALA D 49 -34.83 37.53 8.38
CA VAL D 50 -35.74 39.83 11.27
CA ALA D 51 -36.50 43.56 11.08
CA ASN D 52 -34.63 43.60 7.79
CA GLY D 53 -31.32 43.66 9.65
CA THR D 54 -32.42 46.29 12.17
CA GLY D 55 -33.21 46.38 15.87
CA ALA D 56 -31.01 45.84 18.91
CA ASP D 57 -29.48 42.64 17.53
CA GLY D 58 -29.48 44.16 14.07
CA GLN D 59 -26.70 44.30 11.49
CA ILE D 60 -23.47 46.20 12.12
CA ILE D 61 -20.42 47.09 10.03
CA HIS D 62 -17.49 44.81 10.91
CA ALA D 63 -14.18 46.61 10.42
CA THR D 64 -12.64 43.16 10.12
CA GLY D 65 -15.15 42.47 7.40
CA TYR D 66 -17.46 39.46 7.56
CA TYR D 67 -17.73 35.94 6.15
CA GLN D 68 -21.33 34.87 5.41
CA LYS D 69 -22.72 31.55 6.64
CA HIS D 70 -25.00 30.11 3.95
CA SER D 71 -26.93 26.86 3.54
CA ILE D 72 -26.49 23.95 1.13
CA THR D 73 -29.55 24.90 -0.89
CA GLU D 74 -28.32 28.49 -1.24
CA TYR D 75 -25.01 27.25 -2.64
CA ALA D 76 -27.01 25.34 -5.24
CA THR D 77 -26.67 28.42 -7.45
CA PRO D 78 -23.39 30.13 -8.51
CA VAL D 79 -22.06 32.69 -6.04
CA LYS D 80 -21.35 36.32 -6.95
CA VAL D 81 -17.79 37.64 -7.19
CA GLY D 82 -16.57 39.64 -4.20
CA THR D 83 -18.42 37.52 -1.61
CA ARG D 84 -17.02 35.94 1.57
CA HIS D 85 -17.94 32.55 3.01
CA ASP D 86 -17.51 30.82 6.35
CA ILE D 87 -17.90 27.17 5.37
CA ASP D 88 -19.57 24.49 7.47
CA THR D 89 -19.09 20.89 6.39
CA SER D 90 -19.76 19.26 9.76
CA THR D 91 -22.75 17.29 8.46
CA VAL D 92 -21.49 16.82 4.91
CA GLY D 93 -19.08 18.31 2.39
CA VAL D 94 -20.31 21.43 0.64
CA LYS D 95 -19.88 22.40 -3.00
CA VAL D 96 -19.58 26.09 -3.87
CA ILE D 97 -19.67 27.42 -7.42
CA ILE D 98 -18.35 30.85 -8.43
CA GLU D 99 -19.82 32.80 -11.36
CA ARG D 100 -17.53 33.64 -14.28
CA GLY D 101 -15.18 36.40 -13.23
CA GLU D 102 -13.11 39.18 -14.72
CA LEU D 103 -9.49 40.05 -14.02
CA GLY D 104 -9.08 40.80 -10.32
CA ASP D 105 -12.44 39.46 -9.14
CA CYS D 106 -12.14 37.78 -5.76
CA VAL D 107 -13.97 35.32 -3.48
CA GLU D 108 -12.68 34.32 -0.03
CA PHE D 109 -13.45 31.42 2.29
CA ILE D 110 -12.71 30.56 5.90
CA ASN D 111 -13.54 27.63 8.17
CA SER D 112 -14.19 28.93 11.68
CA ASN D 113 -15.61 25.68 13.08
CA GLY D 114 -12.82 23.65 11.47
CA SER D 115 -15.24 21.18 9.92
CA ILE D 116 -13.27 20.89 6.67
CA SER D 117 -11.75 17.43 6.21
CA VAL D 118 -11.18 14.74 3.60
CA THR D 119 -14.61 13.21 4.27
CA ASN D 120 -16.41 16.56 4.54
CA PRO D 121 -14.40 18.67 2.07
CA LEU D 122 -14.95 22.11 0.61
CA THR D 123 -15.31 21.67 -3.16
CA ILE D 124 -14.86 24.82 -5.22
CA GLN D 125 -15.74 25.19 -8.88
CA ALA D 126 -14.71 28.48 -10.49
CA ILE D 127 -16.65 29.05 -13.72
CA ASP D 128 -14.40 27.83 -16.49
CA SER D 129 -11.34 26.76 -14.51
CA ILE D 130 -8.65 27.01 -11.84
CA LYS D 131 -4.98 26.98 -12.86
CA GLY D 132 -2.97 23.91 -11.90
CA VAL D 133 -6.21 22.12 -11.14
CA SER D 134 -8.10 19.72 -13.39
CA GLY D 135 -11.74 20.20 -12.45
CA ASN D 136 -12.84 21.41 -9.02
CA LEU D 137 -10.51 22.51 -6.25
CA VAL D 138 -10.89 20.09 -3.35
CA VAL D 139 -9.99 21.65 0.00
CA THR D 140 -9.46 19.31 2.94
CA SER D 141 -7.38 21.48 5.28
CA PRO D 142 -9.34 22.29 8.46
CA TYR D 143 -9.42 25.88 9.74
CA SER D 144 -8.12 27.18 6.44
CA LYS D 145 -8.48 30.39 4.46
CA VAL D 146 -8.99 30.09 0.73
CA THR D 147 -8.65 32.99 -1.65
CA LEU D 148 -9.65 32.73 -5.30
CA ARG D 149 -8.64 35.40 -7.80
CA CYS D 150 -9.35 35.75 -11.51
CA ILE D 151 -6.01 36.06 -13.31
CA SER D 152 -7.50 36.20 -16.80
CA SER D 153 -10.90 37.01 -18.32
CA ASP D 154 -10.99 38.66 -21.76
CA ASN D 155 -13.64 36.60 -23.55
CA SER D 156 -14.07 32.99 -22.39
CA THR D 157 -10.54 32.79 -21.03
CA SER D 158 -11.83 33.17 -17.46
CA VAL D 159 -9.15 31.43 -15.39
CA TRP D 160 -8.61 31.59 -11.63
CA ASN D 161 -5.73 30.77 -9.30
CA TYR D 162 -5.80 30.28 -5.55
CA SER D 163 -3.98 30.37 -2.25
CA ILE D 164 -4.73 28.37 0.85
CA GLU D 165 -3.40 29.15 4.29
CA SER D 166 -4.00 28.45 7.96
CA MET D 167 -6.32 30.80 9.82
CA PHE D 168 -4.29 30.22 12.98
CA GLY D 169 -0.76 29.67 14.16
CA GLN D 170 2.42 31.54 15.09
CA LYS D 171 3.90 32.59 11.74
CA GLU D 172 5.80 35.77 12.69
CA SER D 173 9.47 36.36 11.99
CA PRO D 174 11.34 37.96 14.90
CA ALA D 175 14.01 39.40 12.61
CA GLU D 176 14.76 40.10 8.98
CA GLY D 177 17.12 42.64 7.50
CA THR D 178 20.66 43.45 6.43
CA TRP D 179 23.48 44.60 8.70
CA ASN D 180 27.01 45.80 8.09
CA ILE D 181 29.87 43.96 9.73
CA SER D 182 31.59 46.87 11.49
CA THR D 183 35.25 47.65 10.79
CA SER D 184 36.06 45.87 14.05
CA GLY D 185 35.16 42.75 12.09
CA SER D 186 32.16 41.73 14.18
CA VAL D 187 28.48 42.54 14.53
CA ASP D 188 25.81 41.56 17.04
CA ILE D 189 22.27 41.08 15.80
CA PRO D 190 19.60 40.62 18.48
CA LEU D 191 16.99 38.12 17.28
CA PHE D 192 14.45 37.90 20.09
CA HIS D 193 14.03 37.91 23.87
CA ARG D 194 15.16 34.68 25.50
CA THR D 195 11.58 33.86 26.56
CA GLU D 196 9.90 34.23 23.15
CA TYR D 197 10.94 30.96 21.45
CA ASN D 198 12.62 27.66 22.26
CA MET D 199 14.06 27.21 18.78
CA ALA D 200 14.44 29.25 15.65
CA LYS D 201 15.60 28.72 12.10
CA LEU D 202 17.44 31.38 10.17
CA LEU D 203 19.13 32.09 6.87
CA VAL D 204 22.37 34.04 6.83
CA THR D 205 24.04 35.36 3.68
CA CYS D 206 27.25 37.41 3.90
CA GLN D 207 28.60 39.22 0.85
CA SER D 208 31.49 41.62 0.25
CA VAL D 209 30.66 45.11 -1.07
CA ASP D 210 32.33 44.02 -4.32
CA GLY D 211 30.61 40.65 -4.58
CA ARG D 212 33.65 38.39 -4.93
CA LYS D 213 33.25 36.84 -1.48
CA ILE D 214 29.94 35.35 -0.40
CA LYS D 215 28.67 32.72 2.02
CA THR D 216 25.20 31.49 2.97
CA ALA D 217 24.21 29.05 5.65
CA GLU D 218 21.07 27.74 7.31
CA ILE D 219 21.15 27.56 11.11
CA ASN D 220 18.78 25.98 13.65
CA ILE D 221 19.23 27.24 17.22
CA LEU D 222 18.02 25.94 20.56
CA VAL D 223 17.52 28.25 23.51
CA ASP D 224 18.94 26.81 26.73
CA THR D 225 17.25 29.11 29.24
CA VAL D 226 18.60 27.19 32.23
CA ASN D 227 22.28 27.72 31.32
CA SER D 228 21.56 31.02 29.56
CA GLU D 229 23.07 29.70 26.32
CA VAL D 230 22.06 28.80 22.77
CA ILE D 231 23.01 25.63 20.89
CA SER D 232 23.26 25.94 17.11
CA SER D 233 23.42 23.66 14.10
CA GLU D 234 24.81 25.30 10.95
CA TYR D 235 24.51 23.37 7.67
CA ALA D 236 24.08 23.63 3.88
CA VAL D 237 27.00 26.03 3.92
CA MET D 238 27.95 27.45 0.50
CA ARG D 239 30.87 29.77 -0.36
CA VAL D 240 32.14 31.37 -3.60
CA GLY D 241 35.24 33.57 -3.42
CA ASN D 242 36.80 31.57 -0.60
CA GLU D 243 40.58 31.82 -0.84
CA THR D 244 40.86 28.53 1.07
CA GLU D 245 38.74 25.46 1.90
CA GLU D 246 39.43 26.10 5.60
CA ASP D 247 37.61 28.47 8.02
CA GLU D 248 36.23 31.07 5.61
CA ILE D 249 34.44 34.27 4.66
CA ALA D 250 32.32 34.62 7.79
CA ASN D 251 31.63 32.99 11.12
CA ILE D 252 28.28 32.87 12.83
CA ALA D 253 27.93 32.34 16.58
CA PHE D 254 25.05 32.53 19.01
CA SER D 255 24.52 33.37 22.68
CA ILE D 256 22.31 35.36 25.00
CA LYS D 257 23.29 39.01 25.44
CA GLU D 258 21.19 41.43 27.49
CA ASN D 259 18.63 38.62 27.74
CA TYR D 260 18.21 38.48 23.95
CA VAL D 261 19.07 35.46 21.84
CA THR D 262 21.73 37.07 19.65
CA ALA D 263 23.64 36.30 16.48
CA THR D 264 27.26 37.41 16.29
CA ILE D 265 28.61 37.71 12.74
CA SER D 266 32.33 38.18 12.22
CA SER D 267 34.65 38.15 9.19
CA SER D 268 38.29 38.80 8.26
CA THR D 269 37.24 40.25 4.93
CA VAL D 270 36.83 44.03 5.26
CA GLY D 271 33.60 45.57 3.98
CA MET D 272 31.20 42.67 4.55
CA ARG D 273 27.40 42.84 4.65
CA ALA D 274 25.24 40.22 6.38
CA ALA D 275 21.60 39.44 5.68
CA VAL D 276 19.88 37.57 8.51
CA LYS D 277 16.33 36.29 8.32
CA VAL D 278 14.44 34.06 10.79
CA ILE D 279 12.18 31.82 8.73
CA ALA D 280 10.72 29.56 11.42
CA THR D 281 10.21 29.32 15.17
CA GLN D 282 8.77 26.92 17.70
CA LYS D 283 7.46 27.80 21.14
CA ILE D 284 6.37 25.17 23.63
CA GLY D 285 2.88 26.07 24.73
CA VAL D 286 0.31 24.43 26.97
CA ALA D 287 -0.76 20.91 25.99
CA GLN D 288 -4.24 20.76 24.45
CA MET E 1 -14.21 55.11 21.34
CA PHE E 2 -17.14 55.18 18.92
CA ILE E 3 -19.66 52.40 19.50
CA GLN E 4 -21.87 52.28 16.43
CA GLU E 5 -25.59 51.57 16.57
CA PRO E 6 -27.01 48.77 14.39
CA LYS E 7 -28.30 49.47 10.88
CA LYS E 8 -31.24 51.85 10.53
CA LEU E 9 -33.43 52.02 7.42
CA ILE E 10 -35.80 54.71 6.15
CA ASP E 11 -39.44 53.78 6.79
CA THR E 12 -40.86 54.62 3.36
CA GLY E 13 -43.92 52.87 4.76
CA GLU E 14 -44.88 56.34 5.92
CA ILE E 15 -44.37 59.70 4.21
CA GLY E 16 -47.86 60.43 2.80
CA ASN E 17 -48.78 59.75 6.41
CA ALA E 18 -46.19 62.11 8.36
CA SER E 19 -45.19 65.60 7.15
CA THR E 20 -41.97 66.47 5.78
CA GLY E 21 -40.65 67.85 9.05
CA ASP E 22 -40.69 64.60 11.00
CA ILE E 23 -39.61 62.28 8.16
CA LEU E 24 -36.56 64.41 7.37
CA PHE E 25 -35.43 64.56 11.00
CA ASP E 26 -36.13 60.89 11.66
CA GLY E 27 -34.64 60.08 8.28
CA GLY E 28 -31.62 62.36 8.43
CA ASN E 29 -30.47 61.19 11.85
CA LYS E 30 -30.87 57.67 10.46
CA ILE E 31 -28.67 58.45 7.47
CA ASN E 32 -26.08 60.12 9.72
CA SER E 33 -26.09 57.15 12.09
CA ASP E 34 -25.39 54.56 9.40
CA PHE E 35 -22.73 56.50 7.53
CA ASN E 36 -21.02 57.28 10.83
CA ALA E 37 -20.99 53.54 11.47
CA ILE E 38 -19.38 52.94 8.08
CA TYR E 39 -16.82 55.76 8.17
CA ASN E 40 -15.69 54.84 11.69
CA ALA E 41 -15.21 51.22 10.69
CA PHE E 42 -13.04 52.24 7.72
CA GLY E 43 -11.68 55.57 8.94
CA ASP E 44 -9.82 57.31 11.77
CA GLN E 45 -12.20 57.50 14.72
CA ARG E 46 -10.07 60.13 16.46
CA LYS E 47 -11.50 62.69 14.05
CA MET E 48 -14.96 62.43 15.60
CA ALA E 49 -13.74 65.03 18.11
CA VAL E 50 -13.86 67.70 15.41
CA ALA E 51 -16.81 68.48 13.10
CA ASN E 52 -18.10 64.99 13.84
CA GLY E 53 -15.62 63.55 11.35
CA THR E 54 -16.29 66.17 8.67
CA GLY E 55 -14.41 69.07 7.14
CA ALA E 56 -11.26 69.17 5.03
CA ASP E 57 -9.33 66.87 7.35
CA GLY E 58 -12.48 64.86 7.95
CA GLN E 59 -13.01 61.10 7.83
CA ILE E 60 -12.56 59.12 4.62
CA ILE E 61 -13.19 55.49 3.59
CA HIS E 62 -9.90 53.56 3.48
CA ALA E 63 -10.04 50.82 0.87
CA THR E 64 -7.26 49.15 2.84
CA GLY E 65 -9.51 49.38 5.85
CA TYR E 66 -8.34 51.05 9.06
CA TYR E 67 -6.97 50.12 12.48
CA GLN E 68 -8.20 52.40 15.28
CA LYS E 69 -5.78 53.97 17.77
CA HIS E 70 -7.41 54.00 21.21
CA SER E 71 -6.28 55.00 24.70
CA ILE E 72 -5.61 52.94 27.83
CA THR E 73 -8.77 54.17 29.54
CA GLU E 74 -10.87 53.28 26.50
CA TYR E 75 -9.53 49.71 26.57
CA ALA E 76 -10.69 49.53 30.20
CA THR E 77 -13.96 48.15 28.87
CA PRO E 78 -14.41 45.06 26.61
CA VAL E 79 -14.06 45.75 22.89
CA LYS E 80 -16.77 44.92 20.32
CA VAL E 81 -16.33 42.09 17.83
CA GLY E 82 -15.33 43.14 14.32
CA THR E 83 -13.08 46.00 15.46
CA ARG E 84 -9.48 46.73 14.41
CA HIS E 85 -6.71 48.08 16.62
CA ASP E 86 -3.31 49.66 16.05
CA ILE E 87 -1.62 49.07 19.39
CA ASP E 88 0.78 51.46 21.10
CA THR E 89 2.73 50.13 24.07
CA SER E 90 5.62 52.59 23.91
CA THR E 91 4.91 53.98 27.39
CA VAL E 92 3.56 50.76 28.90
CA GLY E 93 2.01 47.44 27.94
CA VAL E 94 -1.67 47.58 27.07
CA LYS E 95 -4.39 45.09 27.96
CA VAL E 96 -7.26 44.61 25.53
CA ILE E 97 -10.40 42.60 26.34
CA ILE E 98 -12.77 41.22 23.71
CA GLU E 99 -16.48 40.73 24.39
CA ARG E 100 -17.89 37.20 24.16
CA GLY E 101 -18.13 36.23 20.51
CA GLU E 102 -20.06 33.91 18.25
CA LEU E 103 -18.70 31.57 15.58
CA GLY E 104 -16.78 33.58 13.02
CA ASP E 105 -16.54 36.84 14.99
CA CYS E 106 -13.21 38.55 14.42
CA VAL E 107 -10.91 41.20 15.95
CA GLU E 108 -7.59 42.21 14.39
CA PHE E 109 -4.53 44.03 15.73
CA ILE E 110 -1.43 45.60 14.24
CA ASN E 111 1.59 47.41 15.66
CA SER E 112 2.61 50.18 13.27
CA ASN E 113 5.06 51.89 15.62
CA GLY E 114 6.60 48.56 16.63
CA SER E 115 6.30 49.29 20.33
CA ILE E 116 5.31 45.73 21.24
CA SER E 117 7.98 43.98 23.30
CA VAL E 118 8.41 41.71 26.31
CA THR E 119 8.44 44.68 28.70
CA ASN E 120 5.61 46.54 26.93
CA PRO E 121 3.50 43.60 25.66
CA LEU E 122 0.07 43.41 24.11
CA THR E 123 -2.10 41.34 26.46
CA ILE E 124 -5.30 39.97 24.95
CA GLN E 125 -8.17 38.46 26.88
CA ALA E 126 -10.92 36.90 24.79
CA ILE E 127 -14.10 36.50 26.86
CA ASP E 128 -14.06 32.92 28.08
CA SER E 129 -10.85 31.65 26.48
CA ILE E 130 -8.27 31.21 23.73
CA LYS E 131 -7.36 27.70 22.56
CA GLY E 132 -3.87 26.47 23.42
CA VAL E 133 -3.54 29.34 25.85
CA SER E 134 -4.09 29.24 29.61
CA GLY E 135 -5.35 32.71 30.49
CA ASN E 136 -4.51 35.78 28.41
CA LEU E 137 -2.58 35.75 25.15
CA VAL E 138 0.67 37.64 25.67
CA VAL E 139 2.06 39.12 22.46
CA THR E 140 5.65 40.33 22.48
CA SER E 141 6.49 40.31 18.77
CA PRO E 142 7.09 43.86 17.50
CA TYR E 143 5.44 45.00 14.26
CA SER E 144 3.07 42.05 14.33
CA LYS E 145 -0.45 41.38 13.12
CA VAL E 146 -2.75 39.46 15.42
CA THR E 147 -6.02 37.95 14.30
CA LEU E 148 -8.51 36.47 16.75
CA ARG E 149 -11.41 34.36 15.55
CA CYS E 150 -14.23 32.66 17.46
CA ILE E 151 -14.16 28.97 16.57
CA SER E 152 -17.02 28.00 18.88
CA SER E 153 -19.90 29.78 20.60
CA ASP E 154 -23.15 27.87 21.13
CA ASN E 155 -23.97 28.69 24.76
CA SER E 156 -21.02 29.45 27.04
CA THR E 157 -18.58 27.49 24.89
CA SER E 158 -17.17 30.73 23.45
CA VAL E 159 -13.63 29.76 22.47
CA TRP E 160 -11.20 31.68 20.23
CA ASN E 161 -8.02 30.78 18.35
CA TYR E 162 -5.42 33.10 16.89
CA SER E 163 -2.69 33.71 14.37
CA ILE E 164 0.25 36.06 14.66
CA GLU E 165 2.38 37.18 11.75
CA SER E 166 4.85 39.87 10.75
CA MET E 167 3.46 43.01 9.18
CA PHE E 168 6.63 43.31 7.11
CA GLY E 169 9.19 41.22 5.29
CA GLN E 170 9.81 39.45 1.98
CA LYS E 171 7.67 36.32 2.17
CA GLU E 172 6.91 35.66 -1.51
CA SER E 173 7.60 32.41 -3.29
CA PRO E 174 9.08 32.86 -6.78
CA ALA E 175 7.82 29.47 -7.95
CA GLU E 176 5.42 26.71 -7.01
CA GLY E 177 3.77 24.15 -9.25
CA THR E 178 4.04 20.78 -10.95
CA TRP E 179 5.83 20.06 -14.21
CA ASN E 180 6.12 17.01 -16.44
CA ILE E 181 9.54 15.62 -17.21
CA SER E 182 9.38 15.59 -21.02
CA THR E 183 9.93 12.36 -22.94
CA SER E 184 13.47 13.58 -23.61
CA GLY E 185 13.99 12.83 -19.93
CA SER E 186 14.72 16.38 -18.82
CA VAL E 187 12.86 19.55 -17.88
CA ASP E 188 13.98 23.12 -17.18
CA ILE E 189 12.05 25.09 -14.57
CA PRO E 190 12.91 28.79 -14.32
CA LEU E 191 12.78 29.90 -10.69
CA PHE E 192 13.60 33.61 -10.74
CA HIS E 193 15.73 36.27 -12.41
CA ARG E 194 19.38 36.12 -11.35
CA THR E 195 19.10 39.52 -9.63
CA GLU E 196 16.06 38.76 -7.43
CA TYR E 197 17.64 36.64 -4.68
CA ASN E 198 21.06 35.56 -3.42
CA MET E 199 19.81 32.25 -2.03
CA ALA E 200 16.67 30.19 -2.17
CA LYS E 201 15.32 27.05 -0.55
CA LEU E 202 13.12 24.64 -2.42
CA LEU E 203 11.30 21.35 -2.10
CA VAL E 204 11.31 18.93 -5.00
CA THR E 205 9.18 15.79 -5.19
CA CYS E 206 9.27 13.58 -8.29
CA GLN E 207 6.74 10.78 -8.75
CA SER E 208 5.95 8.34 -11.56
CA VAL E 209 2.45 8.45 -13.09
CA ASP E 210 1.88 5.06 -11.46
CA GLY E 211 3.27 5.96 -8.05
CA ARG E 212 5.84 3.20 -7.61
CA LYS E 213 8.82 5.51 -8.00
CA ILE E 214 9.12 8.64 -5.90
CA LYS E 215 11.85 10.93 -4.58
CA THR E 216 11.83 14.13 -2.53
CA ALA E 217 14.71 16.36 -1.60
CA GLU E 218 15.29 19.74 -0.01
CA ILE E 219 17.80 21.99 -1.77
CA ASN E 220 19.43 25.29 -0.78
CA ILE E 221 20.97 27.24 -3.67
CA LEU E 222 23.39 30.15 -3.80
CA VAL E 223 23.45 32.53 -6.73
CA ASP E 224 26.99 33.28 -7.91
CA THR E 225 26.28 36.33 -10.07
CA VAL E 226 29.97 36.96 -10.76
CA ASN E 227 30.57 33.56 -12.39
CA SER E 228 26.98 33.31 -13.63
CA GLU E 229 26.50 30.02 -11.75
CA VAL E 230 24.50 28.55 -8.88
CA ILE E 231 25.86 26.40 -6.05
CA SER E 232 23.45 23.90 -4.53
CA SER E 233 23.20 21.74 -1.44
CA GLU E 234 20.72 18.84 -1.73
CA TYR E 235 19.88 16.92 1.44
CA ALA E 236 17.21 14.94 3.32
CA VAL E 237 16.82 12.87 0.19
CA MET E 238 14.16 10.13 0.39
CA ARG E 239 13.28 7.49 -2.23
CA VAL E 240 10.74 4.63 -2.41
CA GLY E 241 10.65 2.50 -5.56
CA ASN E 242 14.37 2.84 -6.19
CA GLU E 243 15.63 -0.25 -8.01
CA THR E 244 19.12 0.44 -6.65
CA GLU E 245 20.82 2.37 -3.83
CA GLU E 246 22.95 4.16 -6.44
CA ASP E 247 22.09 7.25 -8.53
CA GLU E 248 18.30 7.08 -8.62
CA ILE E 249 14.81 8.14 -9.68
CA ALA E 250 15.63 11.77 -10.51
CA ASN E 251 18.49 14.21 -10.64
CA ILE E 252 18.24 17.90 -9.84
CA ALA E 253 20.76 20.43 -11.14
CA PHE E 254 20.92 24.21 -11.15
CA SER E 255 22.40 26.94 -13.33
CA ILE E 256 21.58 30.26 -14.92
CA LYS E 257 19.80 30.05 -18.28
CA GLU E 258 18.57 33.16 -20.11
CA ASN E 259 19.54 35.08 -16.98
CA TYR E 260 17.14 33.08 -14.81
CA VAL E 261 18.22 30.86 -11.93
CA THR E 262 16.89 27.56 -13.28
CA ALA E 263 16.26 24.04 -12.02
CA THR E 264 16.89 21.18 -14.42
CA ILE E 265 15.07 17.97 -13.52
CA SER E 266 15.97 14.75 -15.33
CA SER E 267 15.08 11.08 -14.88
CA SER E 268 15.59 7.70 -16.58
CA THR E 269 12.12 6.59 -15.52
CA VAL E 270 9.63 7.43 -18.27
CA GLY E 271 6.47 9.29 -17.29
CA MET E 272 7.78 11.29 -14.32
CA ARG E 273 6.15 14.34 -12.74
CA ALA E 274 8.08 16.90 -10.68
CA ALA E 275 6.66 19.26 -8.07
CA VAL E 276 8.95 22.20 -7.29
CA LYS E 277 8.23 24.76 -4.61
CA VAL E 278 10.46 27.58 -3.32
CA ILE E 279 9.76 27.91 0.41
CA ALA E 280 12.33 30.53 1.41
CA THR E 281 14.58 33.22 -0.02
CA GLN E 282 17.15 35.72 1.16
CA LYS E 283 18.14 38.93 -0.58
CA ILE E 284 20.99 41.10 0.62
CA GLY E 285 19.60 44.59 1.04
CA VAL E 286 21.03 47.85 2.33
CA ALA E 287 22.34 47.81 5.90
CA GLN E 288 20.06 49.57 8.37
CA SER F 12 35.07 -56.70 24.67
CA ARG F 13 33.21 -57.66 27.85
CA LEU F 14 33.27 -55.13 30.68
CA ALA F 15 36.78 -53.77 31.41
CA ASP F 16 36.60 -51.54 28.31
CA PHE F 17 33.47 -49.98 29.81
CA LEU F 18 34.46 -49.63 33.48
CA GLY F 19 35.79 -46.26 34.62
CA PHE F 20 39.24 -45.85 36.15
CA ARG F 21 40.39 -42.80 38.13
CA PRO F 22 43.77 -41.63 36.77
CA LYS F 23 46.54 -40.44 39.05
CA THR F 24 46.74 -36.64 39.23
CA GLY F 25 49.82 -35.34 37.42
CA ASP F 26 50.54 -38.77 35.93
CA ILE F 27 52.25 -38.75 32.52
CA ASP F 28 53.89 -42.18 32.74
CA VAL F 29 52.30 -43.29 29.45
CA MET F 30 54.70 -42.17 26.71
CA ASN F 31 55.60 -39.03 28.71
CA ARG F 32 52.20 -37.65 27.67
CA GLN F 33 49.29 -39.04 29.66
CA SER F 34 48.08 -40.92 32.72
CA VAL F 35 47.77 -44.67 33.10
CA GLY F 36 44.21 -45.55 32.11
CA SER F 37 43.63 -42.70 29.64
CA VAL F 38 41.01 -43.58 27.01
CA THR F 39 42.40 -45.18 23.86
CA ILE F 40 41.12 -45.72 20.33
CA SER F 41 40.03 -49.24 21.34
CA GLN F 42 37.45 -47.88 23.79
CA LEU F 43 36.40 -45.01 21.51
CA ALA F 44 35.62 -47.53 18.76
CA LYS F 45 33.31 -49.28 21.23
CA GLY F 46 31.54 -46.11 22.34
CA PHE F 47 33.31 -45.46 25.65
CA TYR F 48 35.05 -42.10 26.12
CA GLU F 49 36.44 -42.09 29.66
CA PRO F 50 39.63 -43.35 31.34
CA ASN F 51 39.07 -47.05 32.01
CA ILE F 52 40.26 -50.30 33.55
CA GLU F 53 41.04 -52.11 30.27
CA SER F 54 43.39 -49.30 29.30
CA ALA F 55 44.93 -48.99 32.78
CA ILE F 56 45.87 -52.67 32.92
CA ASN F 57 47.26 -52.56 29.37
CA ASP F 58 49.42 -49.55 30.33
CA VAL F 59 50.98 -51.22 33.39
CA HIS F 60 51.47 -54.38 31.34
CA ASN F 61 53.53 -52.18 28.96
CA PHE F 62 55.62 -50.91 31.89
CA SER F 63 56.42 -54.36 33.29
CA ILE F 64 57.71 -56.36 30.30
CA LYS F 65 61.35 -55.68 29.43
CA ASP F 66 62.42 -56.11 25.80
CA VAL F 67 64.10 -59.29 24.57
CA GLY F 68 67.84 -58.63 24.86
CA THR F 69 67.47 -56.94 28.24
CA ILE F 70 69.79 -57.98 31.07
CA ILE F 71 68.68 -58.80 34.60
CA THR F 72 71.34 -59.09 37.30
CA ASN F 73 71.14 -60.88 40.66
CA LYS F 74 73.40 -62.48 43.27
CA THR F 75 71.46 -65.73 43.66
CA GLY F 76 71.83 -67.24 40.21
CA VAL F 77 68.10 -67.94 40.18
CA SER F 78 66.33 -67.45 36.84
CA PRO F 79 63.88 -64.51 36.44
CA GLU F 80 61.49 -66.96 34.73
CA GLY F 81 58.13 -67.64 36.33
CA VAL F 82 56.95 -70.99 37.70
CA SER F 83 53.41 -72.42 37.75
CA GLN F 84 51.84 -73.85 40.91
CA THR F 85 51.38 -77.63 41.11
CA ASP F 86 48.60 -79.37 43.06
CA TYR F 87 47.15 -82.72 43.94
CA TRP F 88 43.36 -82.84 43.50
CA ALA F 89 41.90 -85.39 45.92
CA PHE F 90 38.53 -87.14 45.70
CA SER F 91 36.46 -89.37 47.98
CA GLY F 92 32.94 -90.75 48.27
CA THR F 93 30.40 -92.13 45.82
CA VAL F 94 28.57 -90.17 43.11
CA THR F 95 25.08 -89.66 44.51
CA ASP F 96 21.77 -88.25 43.25
CA ASP F 97 18.84 -89.44 45.38
CA SER F 98 16.59 -87.89 42.74
CA LEU F 99 17.81 -90.34 40.08
CA PRO F 100 18.00 -94.16 39.72
CA PRO F 101 21.30 -96.09 40.03
CA GLY F 102 23.51 -95.63 36.97
CA SER F 103 21.92 -92.38 35.82
CA PRO F 104 24.27 -90.10 33.84
CA ILE F 105 24.98 -86.70 35.41
CA THR F 106 27.41 -83.78 35.02
CA VAL F 107 29.60 -82.89 38.00
CA LEU F 108 31.70 -79.73 38.25
CA VAL F 109 35.25 -80.26 39.48
CA PHE F 110 36.69 -76.80 40.16
CA GLY F 111 34.56 -75.67 37.23
CA LEU F 112 35.50 -78.51 34.88
CA PRO F 113 32.45 -80.48 33.64
CA VAL F 114 32.84 -84.18 34.44
CA SER F 115 30.57 -86.80 32.86
CA ALA F 116 29.64 -89.14 35.73
CA THR F 117 27.00 -91.76 36.56
CA THR F 118 25.28 -92.28 39.91
CA GLY F 119 26.89 -95.26 41.64
CA MET F 120 30.51 -94.55 40.62
CA THR F 121 33.18 -94.89 43.30
CA ALA F 122 35.69 -92.08 43.83
CA ILE F 123 38.26 -94.09 41.86
CA GLU F 124 35.86 -94.45 38.95
CA PHE F 125 35.06 -90.73 39.11
CA VAL F 126 38.76 -89.80 38.98
CA ALA F 127 38.88 -91.62 35.63
CA LYS F 128 36.20 -89.22 34.37
CA VAL F 129 38.12 -86.28 35.80
CA ARG F 130 41.11 -87.33 33.70
CA VAL F 131 38.94 -86.78 30.62
CA ALA F 132 37.88 -83.29 31.71
CA LEU F 133 41.51 -82.37 32.36
CA GLN F 134 42.51 -83.60 28.91
CA GLU F 135 39.77 -81.44 27.37
CA ALA F 136 40.83 -78.37 29.37
CA ILE F 137 44.43 -79.00 28.33
CA ALA F 138 43.49 -79.40 24.65
CA SER F 139 41.56 -76.10 24.66
CA PHE F 140 44.37 -74.41 26.62
CA THR F 141 41.96 -73.51 29.39
CA ALA F 142 43.80 -72.94 32.69
CA ILE F 143 45.34 -76.43 32.75
CA ASN F 144 48.86 -77.06 31.50
CA SER F 145 49.28 -80.73 32.40
CA TYR F 146 48.28 -83.51 34.76
CA LYS F 147 49.78 -86.77 36.01
CA ASP F 148 48.39 -89.64 38.05
CA HIS F 149 49.36 -89.84 41.71
CA PRO F 150 52.03 -92.58 41.88
CA THR F 151 50.42 -94.57 44.71
CA ASP F 152 46.92 -93.17 45.31
CA GLY F 153 44.20 -93.82 42.73
CA SER F 154 41.92 -91.11 44.16
CA LYS F 155 44.34 -88.22 43.52
CA LEU F 156 45.69 -86.42 40.45
CA GLU F 157 48.62 -84.02 40.11
CA VAL F 158 47.82 -80.88 38.11
CA THR F 159 49.91 -77.94 36.87
CA TYR F 160 48.48 -74.63 35.64
CA LEU F 161 49.21 -72.48 32.59
CA ASP F 162 49.64 -69.26 34.58
CA ASN F 163 52.08 -68.63 37.43
CA GLN F 164 49.55 -67.14 39.84
CA LYS F 165 48.76 -68.37 43.32
CA HIS F 166 45.63 -70.51 43.63
CA VAL F 167 43.87 -71.47 46.85
CA LEU F 168 40.90 -73.73 46.13
CA SER F 169 38.16 -74.39 48.69
CA THR F 170 37.18 -77.94 49.63
CA TYR F 171 33.59 -78.79 48.74
CA SER F 172 31.15 -81.64 48.19
CA THR F 173 28.94 -82.10 45.16
CA TYR F 174 26.72 -85.07 44.43
CA GLY F 175 28.37 -87.12 47.17
CA ILE F 176 31.90 -86.49 45.94
CA THR F 177 34.21 -84.45 48.15
CA ILE F 178 36.83 -82.50 46.20
CA SER F 179 39.91 -80.92 47.82
CA GLN F 180 43.21 -79.25 46.88
CA GLU F 181 46.68 -80.04 48.21
CA ILE F 182 49.31 -77.55 47.03
CA ILE F 183 52.53 -79.40 46.16
CA SER F 184 54.72 -76.64 44.72
CA GLU F 185 54.32 -72.87 44.93
CA SER F 186 54.17 -70.64 41.87
CA LYS F 187 56.88 -68.01 41.32
CA PRO F 188 56.68 -64.51 39.81
CA GLY F 189 58.29 -63.97 36.41
CA TYR F 190 57.81 -64.07 32.63
CA GLY F 191 59.61 -64.91 29.39
CA THR F 192 62.65 -67.06 28.65
CA TRP F 193 65.92 -65.99 30.23
CA ASN F 194 69.44 -67.26 29.62
CA LEU F 195 72.31 -67.15 32.10
CA LEU F 196 75.13 -65.31 30.32
CA GLY F 197 77.67 -66.04 33.02
CA ALA F 198 79.04 -64.43 36.15
CA GLN F 199 80.92 -61.20 36.77
CA THR F 200 83.14 -60.83 39.80
CA VAL F 201 83.38 -57.20 40.84
CA THR F 202 85.07 -55.55 43.81
CA LEU F 203 82.99 -52.46 44.52
CA ASP F 204 84.92 -49.19 44.85
CA ASN F 205 86.22 -49.00 48.42
CA GLN F 206 85.71 -52.63 49.38
CA GLN F 207 87.94 -55.58 50.21
CA THR F 208 85.77 -58.54 49.24
CA PRO F 209 84.71 -59.21 45.62
CA THR F 210 81.04 -59.60 44.73
CA VAL F 211 79.87 -62.22 42.26
CA PHE F 212 76.98 -61.12 40.02
CA TYR F 213 74.96 -63.32 37.66
CA HIS F 214 73.59 -61.88 34.42
CA PHE F 215 70.50 -63.20 32.64
CA GLU F 216 69.43 -62.10 29.16
CA ARG F 217 65.84 -62.31 27.95
CA THR F 218 65.78 -64.43 24.80
CA ALA F 219 62.03 -64.82 24.32
CA SER G 12 36.09 -41.22 41.75
CA ARG G 13 35.30 -43.86 39.12
CA LEU G 14 33.78 -47.35 39.04
CA ALA G 15 37.17 -48.99 39.72
CA ASP G 16 37.36 -47.50 43.25
CA PHE G 17 34.18 -49.40 44.11
CA LEU G 18 34.76 -52.76 42.39
CA GLY G 19 36.03 -55.50 44.69
CA PHE G 20 39.40 -57.15 44.14
CA ARG G 21 40.47 -60.44 45.78
CA PRO G 22 44.01 -59.98 47.20
CA LYS G 23 46.57 -62.77 47.11
CA THR G 24 46.84 -64.77 50.33
CA GLY G 25 50.06 -63.92 52.15
CA ASP G 26 50.85 -61.00 49.84
CA ILE G 27 52.75 -58.11 51.43
CA ASP G 28 54.34 -56.67 48.29
CA VAL G 29 52.92 -53.21 49.01
CA MET G 30 55.49 -51.39 51.16
CA ASN G 31 56.46 -54.69 52.82
CA ARG G 32 53.17 -54.70 54.74
CA GLN G 33 50.03 -55.33 52.71
CA SER G 34 48.54 -57.02 49.66
CA VAL G 35 48.06 -55.51 46.22
CA GLY G 36 44.52 -54.12 46.16
CA SER G 37 44.27 -53.28 49.88
CA VAL G 38 41.74 -50.52 50.52
CA THR G 39 43.25 -47.04 50.76
CA ILE G 40 42.14 -43.69 52.18
CA SER G 41 40.91 -42.69 48.71
CA GLN G 42 38.19 -45.32 48.91
CA LEU G 43 37.47 -44.88 52.62
CA ALA G 44 36.74 -41.20 51.96
CA LYS G 45 33.96 -42.23 49.58
CA GLY G 46 32.53 -44.85 51.92
CA PHE G 47 34.07 -48.01 50.43
CA TYR G 48 36.03 -50.29 52.78
CA GLU G 49 36.98 -53.31 50.67
CA PRO G 50 40.09 -54.21 48.64
CA ASN G 51 39.47 -52.88 45.13
CA ILE G 52 40.53 -52.71 41.48
CA GLU G 53 41.56 -49.05 41.57
CA SER G 54 43.95 -49.72 44.45
CA ALA G 55 45.33 -52.91 42.86
CA ILE G 56 46.11 -51.22 39.54
CA ASN G 57 47.69 -48.25 41.31
CA ASP G 58 49.84 -50.67 43.33
CA VAL G 59 51.19 -52.56 40.31
CA HIS G 60 51.71 -49.18 38.65
CA ASN G 61 53.98 -48.31 41.59
CA PHE G 62 55.92 -51.58 41.17
CA SER G 63 56.66 -51.14 37.46
CA ILE G 64 57.99 -47.57 37.13
CA LYS G 65 61.67 -47.19 38.02
CA ASP G 66 63.01 -43.86 39.31
CA VAL G 67 64.68 -41.34 37.02
CA GLY G 68 68.41 -42.10 37.11
CA THR G 69 67.83 -45.86 37.04
CA ILE G 70 69.90 -47.89 34.56
CA ILE G 71 68.62 -50.52 32.12
CA THR G 72 71.14 -52.72 30.37
CA ASN G 73 70.73 -54.74 27.17
CA LYS G 74 72.84 -56.20 24.38
CA THR G 75 70.76 -54.82 21.49
CA GLY G 76 71.24 -51.07 21.78
CA VAL G 77 67.47 -50.68 21.44
CA SER G 78 65.94 -47.98 23.65
CA PRO G 79 63.70 -49.06 26.56
CA GLU G 80 61.32 -46.25 25.54
CA GLY G 81 57.85 -47.26 24.44
CA VAL G 82 56.69 -46.93 20.83
CA SER G 83 53.16 -46.04 19.69
CA GLN G 84 51.31 -48.11 17.08
CA THR G 85 50.65 -46.54 13.65
CA ASP G 86 47.86 -47.59 11.26
CA TYR G 87 46.14 -46.68 8.04
CA TRP G 88 42.43 -45.94 8.42
CA ALA G 89 40.73 -46.96 5.17
CA PHE G 90 37.32 -45.97 3.79
CA SER G 91 35.07 -47.10 0.93
CA GLY G 92 31.56 -46.35 -0.30
CA THR G 93 29.23 -43.36 -0.38
CA VAL G 94 27.69 -41.66 2.66
CA THR G 95 24.12 -42.98 2.55
CA ASP G 96 20.84 -42.45 4.41
CA ASP G 97 17.90 -42.85 2.02
CA SER G 98 15.48 -41.39 4.58
CA LEU G 99 17.14 -38.02 3.95
CA PRO G 100 17.45 -35.87 0.81
CA PRO G 101 20.81 -35.66 -1.00
CA GLY G 102 23.31 -33.43 0.78
CA SER G 103 21.77 -33.78 4.25
CA PRO G 104 24.18 -33.10 7.13
CA ILE G 105 24.78 -36.09 9.39
CA THR G 106 27.21 -37.26 12.03
CA VAL G 107 29.12 -40.46 11.29
CA LEU G 108 31.15 -42.19 13.99
CA VAL G 109 34.60 -43.29 12.83
CA PHE G 110 36.15 -45.48 15.54
CA GLY G 111 34.28 -43.28 17.98
CA LEU G 112 35.23 -39.91 16.48
CA PRO G 113 32.21 -37.82 15.42
CA VAL G 114 32.56 -36.81 11.77
CA SER G 115 30.40 -34.11 10.16
CA ALA G 116 29.41 -35.37 6.72
CA THR G 117 26.63 -35.02 4.18
CA THR G 118 24.70 -37.73 2.36
CA GLY G 119 26.08 -38.25 -1.14
CA MET G 120 29.74 -37.79 -0.24
CA THR G 121 32.16 -40.21 -1.90
CA ALA G 122 34.79 -41.82 0.35
CA ILE G 123 37.36 -39.31 -0.89
CA GLU G 124 35.14 -36.43 0.29
CA PHE G 125 34.34 -38.21 3.55
CA VAL G 126 38.02 -38.68 4.33
CA ALA G 127 38.51 -34.91 4.11
CA LYS G 128 36.03 -34.60 6.97
CA VAL G 129 37.73 -37.39 8.93
CA ARG G 130 40.89 -35.24 8.82
CA VAL G 131 38.98 -32.56 10.75
CA ALA G 132 37.80 -35.05 13.38
CA LEU G 133 41.38 -36.30 13.84
CA GLN G 134 42.58 -32.71 14.24
CA GLU G 135 39.97 -32.20 16.97
CA ALA G 136 40.94 -35.39 18.82
CA ILE G 137 44.63 -34.40 18.60
CA ALA G 138 43.84 -30.91 19.90
CA SER G 139 41.99 -32.29 22.93
CA PHE G 140 44.73 -34.92 23.50
CA THR G 141 42.18 -37.68 23.13
CA ALA G 142 43.75 -40.99 22.02
CA ILE G 143 45.29 -39.56 18.84
CA ASN G 144 48.89 -38.30 18.67
CA SER G 145 49.14 -37.38 14.99
CA TYR G 146 47.98 -38.21 11.47
CA LYS G 147 49.18 -37.82 7.92
CA ASP G 148 47.63 -38.20 4.48
CA HIS G 149 48.34 -41.35 2.50
CA PRO G 150 50.79 -40.50 -0.30
CA THR G 151 48.99 -42.36 -3.09
CA ASP G 152 45.46 -43.07 -1.84
CA GLY G 153 42.87 -40.40 -1.12
CA SER G 154 40.68 -42.89 0.72
CA LYS G 155 43.22 -43.66 3.47
CA LEU G 156 44.85 -41.81 6.38
CA GLU G 157 47.86 -42.67 8.55
CA VAL G 158 47.25 -42.40 12.30
CA THR G 159 49.53 -42.70 15.35
CA TYR G 160 48.19 -43.02 18.92
CA LEU G 161 49.22 -41.35 22.19
CA ASP G 162 49.55 -44.60 24.12
CA ASN G 163 51.80 -47.54 23.25
CA GLN G 164 49.12 -50.21 23.64
CA LYS G 165 48.16 -52.59 20.82
CA HIS G 166 44.89 -51.86 19.02
CA VAL G 167 43.03 -54.22 16.69
CA LEU G 168 39.93 -52.46 15.40
CA SER G 169 36.96 -54.26 13.89
CA THR G 170 35.96 -53.34 10.35
CA TYR G 171 32.40 -52.09 10.07
CA SER G 172 29.95 -50.18 7.91
CA THR G 173 27.93 -47.13 8.88
CA TYR G 174 25.79 -44.88 6.69
CA GLY G 175 27.14 -46.62 3.61
CA ILE G 176 30.82 -46.18 4.48
CA THR G 177 33.00 -49.22 5.22
CA ILE G 178 35.72 -48.39 7.76
CA SER G 179 38.78 -50.59 8.36
CA GLN G 180 42.19 -50.62 10.02
CA GLU G 181 45.53 -51.64 8.51
CA ILE G 182 48.35 -51.90 11.04
CA ILE G 183 51.58 -50.42 9.66
CA SER G 184 53.93 -50.57 12.64
CA GLU G 185 53.45 -52.35 15.95
CA SER G 186 53.61 -50.60 19.30
CA LYS G 187 56.41 -51.49 21.74
CA PRO G 188 56.30 -51.73 25.55
CA GLY G 189 58.17 -49.12 27.53
CA TYR G 190 57.85 -45.79 29.28
CA GLY G 191 59.67 -42.53 30.03
CA THR G 192 62.72 -41.03 28.36
CA TRP G 193 66.00 -42.94 28.28
CA ASN G 194 69.51 -41.89 27.25
CA LEU G 195 72.14 -44.28 25.92
CA LEU G 196 75.09 -43.68 28.26
CA GLY G 197 77.34 -45.83 26.12
CA ALA G 198 78.79 -49.32 25.91
CA GLN G 199 80.82 -51.44 28.30
CA THR G 200 82.85 -54.38 27.06
CA VAL G 201 83.17 -57.08 29.67
CA THR G 202 84.66 -60.55 29.55
CA LEU G 203 82.53 -62.59 31.92
CA ASP G 204 84.23 -64.82 34.51
CA ASN G 205 86.25 -67.84 33.43
CA GLN G 206 85.37 -66.89 29.83
CA GLN G 207 87.59 -65.61 27.02
CA THR G 208 84.97 -64.07 24.73
CA PRO G 209 84.08 -60.42 25.50
CA THR G 210 80.48 -59.22 25.65
CA VAL G 211 79.30 -55.71 24.83
CA PHE G 212 76.60 -54.25 27.08
CA TYR G 213 74.66 -51.06 26.40
CA HIS G 214 73.58 -48.94 29.35
CA PHE G 215 70.51 -46.70 29.28
CA GLU G 216 69.63 -44.16 31.94
CA ARG G 217 66.13 -42.81 32.54
CA THR G 218 66.29 -39.03 32.13
CA ALA G 219 62.57 -38.28 32.48
CA SER H 12 35.01 -63.88 46.15
CA ARG H 13 35.13 -60.32 44.83
CA LEU H 14 33.77 -58.68 41.67
CA ALA H 15 37.11 -58.66 39.81
CA ASP H 16 36.91 -62.47 39.44
CA PHE H 17 33.64 -62.00 37.49
CA LEU H 18 34.38 -58.94 35.34
CA GLY H 19 35.60 -59.56 31.81
CA PHE H 20 38.95 -58.39 30.50
CA ARG H 21 39.76 -58.25 26.78
CA PRO H 22 43.18 -59.85 26.26
CA LYS H 23 45.86 -58.30 24.08
CA THR H 24 45.89 -59.86 20.60
CA GLY H 25 48.77 -62.31 20.16
CA ASP H 26 49.84 -61.85 23.78
CA ILE H 27 51.75 -64.76 25.31
CA ASP H 28 53.54 -62.87 28.09
CA VAL H 29 52.13 -65.27 30.71
CA MET H 30 54.60 -68.16 30.93
CA ASN H 31 55.28 -67.85 27.19
CA ARG H 32 51.88 -69.49 26.72
CA GLN H 33 48.91 -67.15 27.10
CA SER H 34 47.71 -63.56 27.33
CA VAL H 35 47.53 -61.42 30.44
CA GLY H 36 44.08 -61.96 31.95
CA SER H 37 43.46 -65.50 30.67
CA VAL H 38 41.05 -67.51 32.82
CA THR H 39 42.62 -69.44 35.70
CA ILE H 40 41.49 -72.30 37.91
CA SER H 41 40.48 -69.77 40.62
CA GLN H 42 37.76 -68.34 38.37
CA LEU H 43 36.69 -71.69 36.94
CA ALA H 44 36.17 -72.92 40.50
CA LYS H 45 33.75 -70.02 41.00
CA GLY H 46 31.84 -70.47 37.76
CA PHE H 47 33.48 -67.84 35.54
CA TYR H 48 35.01 -69.06 32.28
CA GLU H 49 36.23 -65.92 30.50
CA PRO H 50 39.38 -63.73 30.57
CA ASN H 51 39.01 -61.42 33.56
CA ILE H 52 40.24 -58.44 35.60
CA GLU H 53 41.33 -60.40 38.67
CA SER H 54 43.60 -62.61 36.57
CA ALA H 55 44.90 -59.66 34.52
CA ILE H 56 46.05 -57.75 37.58
CA ASN H 57 47.52 -60.89 39.13
CA ASP H 58 49.56 -61.51 35.94
CA VAL H 59 50.97 -57.96 35.78
CA HIS H 60 51.69 -58.18 39.52
CA ASN H 61 53.71 -61.31 38.65
CA PHE H 62 55.67 -59.40 35.98
CA SER H 63 56.62 -56.38 38.08
CA ILE H 64 58.03 -57.86 41.30
CA LYS H 65 61.66 -58.98 40.93
CA ASP H 66 63.01 -61.84 43.07
CA VAL H 67 64.91 -61.29 46.33
CA GLY H 68 68.58 -61.06 45.37
CA THR H 69 67.96 -58.96 42.24
CA ILE H 70 70.17 -55.95 41.59
CA ILE H 71 68.93 -52.48 40.65
CA THR H 72 71.47 -49.98 39.38
CA ASN H 73 71.16 -46.19 39.21
CA LYS H 74 73.41 -43.11 39.10
CA THR H 75 71.68 -41.11 41.84
CA GLY H 76 72.21 -43.29 44.89
CA VAL H 77 68.52 -42.91 45.71
CA SER H 78 66.89 -46.03 47.18
CA PRO H 79 64.44 -47.93 44.90
CA GLU H 80 62.17 -48.45 47.92
CA GLY H 81 58.72 -46.92 47.72
CA VAL H 82 57.65 -43.98 49.88
CA SER H 83 54.21 -43.46 51.39
CA GLN H 84 52.40 -40.12 51.14
CA THR H 85 52.01 -37.91 54.24
CA ASP H 86 49.24 -35.35 54.76
CA TYR H 87 47.80 -32.86 57.23
CA TRP H 88 44.16 -33.42 58.16
CA ALA H 89 42.64 -30.00 58.93
CA PHE H 90 39.41 -29.46 60.88
CA SER H 91 37.34 -26.32 61.49
CA GLY H 92 33.97 -25.33 62.92
CA THR H 93 31.93 -26.65 65.83
CA VAL H 94 30.18 -30.02 66.16
CA THR H 95 26.54 -29.15 65.49
CA ASP H 96 23.18 -30.92 65.16
CA ASP H 97 20.17 -28.67 65.86
CA SER H 98 17.93 -31.74 65.58
CA LEU H 99 19.35 -33.00 68.88
CA PRO H 100 20.03 -31.55 72.35
CA PRO H 101 23.49 -30.22 73.32
CA GLY H 102 26.09 -32.85 74.16
CA SER H 103 24.21 -35.52 72.21
CA PRO H 104 26.65 -38.27 71.15
CA ILE H 105 26.93 -38.67 67.37
CA THR H 106 29.01 -40.52 64.77
CA VAL H 107 31.13 -38.36 62.47
CA LEU H 108 32.92 -39.81 59.43
CA VAL H 109 36.38 -38.38 58.79
CA PHE H 110 37.60 -39.57 55.38
CA GLY H 111 35.57 -42.70 56.05
CA LEU H 112 36.81 -43.07 59.63
CA PRO H 113 34.02 -43.30 62.26
CA VAL H 114 34.73 -40.90 65.14
CA SER H 115 32.63 -40.75 68.32
CA ALA H 116 31.57 -37.11 68.71
CA THR H 117 29.13 -34.97 70.73
CA THR H 118 27.27 -31.83 69.63
CA GLY H 119 28.83 -28.62 70.91
CA MET H 120 32.48 -29.66 70.58
CA THR H 121 34.94 -27.23 69.02
CA ALA H 122 37.35 -28.18 66.24
CA ILE H 123 40.14 -28.86 68.75
CA GLU H 124 37.93 -31.06 70.92
CA PHE H 125 36.80 -32.96 67.83
CA VAL H 126 40.38 -33.69 66.77
CA ALA H 127 40.91 -35.49 70.08
CA LYS H 128 38.19 -37.87 68.91
CA VAL H 129 39.91 -38.15 65.53
CA ARG H 130 43.09 -39.33 67.22
CA VAL H 131 41.17 -42.34 68.53
CA ALA H 132 39.76 -42.97 65.05
CA LEU H 133 43.20 -43.03 63.46
CA GLN H 134 44.34 -45.31 66.30
CA GLU H 135 41.74 -48.00 65.61
CA ALA H 136 42.39 -47.73 61.86
CA ILE H 137 46.14 -48.12 62.41
CA ALA H 138 45.68 -51.02 64.82
CA SER H 139 43.41 -52.63 62.24
CA PHE H 140 45.98 -52.21 59.45
CA THR H 141 43.36 -50.27 57.51
CA ALA H 142 44.83 -47.65 55.14
CA ILE H 143 46.61 -45.70 57.90
CA ASN H 144 50.24 -46.46 58.72
CA SER H 145 50.93 -43.85 61.40
CA TYR H 146 50.02 -40.39 62.68
CA LYS H 147 51.29 -37.53 64.82
CA ASP H 148 50.07 -34.15 66.05
CA HIS H 149 50.62 -31.06 63.92
CA PRO H 150 53.83 -29.24 64.97
CA THR H 151 51.88 -26.09 65.83
CA ASP H 152 48.19 -26.00 64.89
CA GLY H 153 46.08 -28.13 67.24
CA SER H 154 43.27 -28.36 64.71
CA LYS H 155 45.51 -30.41 62.41
CA LEU H 156 47.06 -33.88 62.38
CA GLU H 157 49.91 -35.38 60.37
CA VAL H 158 49.09 -38.71 58.71
CA THR H 159 51.02 -41.34 56.71
CA TYR H 160 49.41 -44.15 54.70
CA LEU H 161 50.33 -47.86 54.44
CA ASP H 162 50.43 -47.90 50.62
CA ASN H 163 52.60 -45.66 48.44
CA GLN H 164 49.87 -44.44 46.08
CA LYS H 165 48.97 -40.77 45.59
CA HIS H 166 45.84 -39.55 47.37
CA VAL H 167 43.90 -36.35 46.68
CA LEU H 168 40.98 -35.82 49.06
CA SER H 169 38.22 -33.29 48.45
CA THR H 170 37.38 -30.79 51.19
CA TYR H 171 33.96 -31.33 52.76
CA SER H 172 31.78 -30.38 55.73
CA THR H 173 29.72 -32.66 57.96
CA TYR H 174 27.94 -31.92 61.24
CA GLY H 175 29.20 -28.35 61.17
CA ILE H 176 32.83 -29.43 60.88
CA THR H 177 34.80 -28.76 57.71
CA ILE H 178 37.46 -31.37 56.90
CA SER H 179 40.37 -30.72 54.55
CA GLN H 180 43.57 -32.34 53.26
CA GLU H 181 47.03 -30.82 52.86
CA ILE H 182 49.64 -32.98 51.08
CA ILE H 183 52.94 -32.65 52.94
CA SER H 184 55.27 -35.23 51.40
CA GLU H 185 54.63 -36.94 48.05
CA SER H 186 54.70 -40.73 47.76
CA LYS H 187 57.22 -42.48 45.48
CA PRO H 188 56.98 -45.62 43.29
CA GLY H 189 58.75 -48.69 44.63
CA TYR H 190 58.47 -51.88 46.67
CA GLY H 191 60.41 -54.19 48.99
CA THR H 192 63.56 -53.65 51.06
CA TRP H 193 66.73 -52.80 49.13
CA ASN H 194 70.32 -52.64 50.37
CA LEU H 195 72.92 -50.36 48.82
CA LEU H 196 75.83 -52.70 48.07
CA GLY H 197 78.14 -49.82 47.24
CA ALA H 198 79.45 -47.91 44.24
CA GLN H 199 81.24 -48.98 41.09
CA THR H 200 83.21 -46.45 39.10
CA VAL H 201 83.49 -47.45 35.47
CA THR H 202 84.86 -45.71 32.40
CA LEU H 203 82.52 -46.69 29.57
CA ASP H 204 84.00 -47.77 26.23
CA ASN H 205 85.97 -45.03 24.50
CA GLN H 206 85.09 -42.39 27.11
CA GLN H 207 87.54 -40.05 28.81
CA THR H 208 85.32 -39.54 31.85
CA PRO H 209 84.36 -42.15 34.50
CA THR H 210 80.78 -42.72 35.65
CA VAL H 211 79.72 -43.84 39.13
CA PHE H 212 77.02 -46.52 39.43
CA TYR H 213 75.18 -47.44 42.61
CA HIS H 214 74.02 -51.03 43.07
CA PHE H 215 71.09 -52.00 45.30
CA GLU H 216 70.15 -55.56 46.17
CA ARG H 217 66.64 -56.58 47.11
CA THR H 218 66.90 -58.21 50.54
CA ALA H 219 63.18 -58.55 51.26
#